data_7USF
#
_entry.id   7USF
#
loop_
_entity.id
_entity.type
_entity.pdbx_description
1 polymer Integrase
2 polymer 'vDNA strand (non-transferred)'
3 polymer 'vDNA-tDNA strand (transferred)'
4 polymer 'tDNA strand'
5 non-polymer 'ZINC ION'
6 non-polymer 'CALCIUM ION'
#
loop_
_entity_poly.entity_id
_entity_poly.type
_entity_poly.pdbx_seq_one_letter_code
_entity_poly.pdbx_strand_id
1 'polypeptide(L)'
;ALESAQESHALHHQNAAALRFQFHITREQAREIVKLCPNCPDWGHAPQLGVNPRGLKPRVLWQMDVTHVSEFGKLKYVHV
TVDTYSHFTFATARTGEATKDVLQHLAQSFAYMGIPQKIKTDNAPAYVSRSIQEFLARWKISHVTGIPYNPQGQAIVERT
HQNIKAQLNKLQKAGKYYTPHHLLAHALFVLNHVNMDNQGHTAAERHWGPISADPKPMVMWKDLLTGSWKGPDVLITAGR
GYACVFPQDAESPIWVPDRFIRPFTERKEATPTPGTAEKTPPRDEKDQQESPKNESSPHQREDGLATSAGVDLRSGGGP
;
A,B,C,D
2 'polydeoxyribonucleotide'
;(DA)(DA)(DT)(DG)(DC)(DC)(DG)(DC)(DA)(DG)(DT)(DC)(DG)(DG)(DC)(DC)(DG)(DA)(DC)(DC)
(DT)(DG)(DA)(DG)(DG)(DG)(DT)(DC)(DA)(DC)
;
I
3 'polydeoxyribonucleotide'
;(DC)(DA)(DG)(DG)(DT)(DC)(DG)(DG)(DC)(DC)(DG)(DA)(DC)(DT)(DG)(DC)(DG)(DG)(DC)(DA)
(DC)(DT)(DC)(DG)(DA)(DG)(DC)(DT)(DA)(DC)(DT)(DT)(DC)(DC)(DC)(DT)(DG)(DT)(DT)(DT)
(DA)(DG)
;
J
4 'polydeoxyribonucleotide' (DC)(DT)(DA)(DA)(DA)(DC)(DA)(DG)(DG)(DG)(DA)(DA)(DG)(DT)(DA)(DG) K
#
loop_
_chem_comp.id
_chem_comp.type
_chem_comp.name
_chem_comp.formula
CA non-polymer 'CALCIUM ION' 'Ca 2'
DA DNA linking 2'-DEOXYADENOSINE-5'-MONOPHOSPHATE 'C10 H14 N5 O6 P'
DC DNA linking 2'-DEOXYCYTIDINE-5'-MONOPHOSPHATE 'C9 H14 N3 O7 P'
DG DNA linking 2'-DEOXYGUANOSINE-5'-MONOPHOSPHATE 'C10 H14 N5 O7 P'
DT DNA linking THYMIDINE-5'-MONOPHOSPHATE 'C10 H15 N2 O8 P'
ZN non-polymer 'ZINC ION' 'Zn 2'
#
# COMPACT_ATOMS: atom_id res chain seq x y z
N ALA A 1 -2.12 -24.60 -39.75
CA ALA A 1 -1.49 -23.37 -40.17
C ALA A 1 -0.84 -22.65 -38.99
N LEU A 2 -1.61 -22.48 -37.91
CA LEU A 2 -1.09 -21.82 -36.72
C LEU A 2 0.06 -22.60 -36.11
N GLU A 3 -0.08 -23.94 -36.05
CA GLU A 3 0.99 -24.77 -35.50
C GLU A 3 2.25 -24.67 -36.34
N SER A 4 2.10 -24.63 -37.67
CA SER A 4 3.25 -24.47 -38.54
C SER A 4 3.94 -23.12 -38.30
N ALA A 5 3.15 -22.06 -38.12
CA ALA A 5 3.74 -20.75 -37.83
C ALA A 5 4.48 -20.75 -36.51
N GLN A 6 3.90 -21.37 -35.47
CA GLN A 6 4.57 -21.45 -34.18
C GLN A 6 5.88 -22.23 -34.29
N GLU A 7 5.87 -23.34 -35.01
CA GLU A 7 7.08 -24.13 -35.18
C GLU A 7 8.14 -23.34 -35.94
N SER A 8 7.73 -22.63 -37.00
CA SER A 8 8.68 -21.85 -37.79
C SER A 8 9.29 -20.73 -36.94
N HIS A 9 8.48 -20.05 -36.13
CA HIS A 9 9.03 -19.01 -35.27
C HIS A 9 9.96 -19.61 -34.23
N ALA A 10 9.61 -20.76 -33.66
CA ALA A 10 10.51 -21.40 -32.70
C ALA A 10 11.83 -21.76 -33.35
N LEU A 11 11.80 -22.16 -34.61
CA LEU A 11 13.03 -22.55 -35.30
C LEU A 11 13.88 -21.34 -35.66
N HIS A 12 13.27 -20.26 -36.17
CA HIS A 12 14.03 -19.14 -36.71
C HIS A 12 13.84 -17.82 -35.97
N HIS A 13 12.73 -17.64 -35.25
CA HIS A 13 12.37 -16.37 -34.62
C HIS A 13 12.27 -15.27 -35.69
N GLN A 14 11.31 -15.48 -36.58
CA GLN A 14 11.10 -14.57 -37.70
C GLN A 14 10.41 -13.29 -37.23
N ASN A 15 10.06 -12.45 -38.19
CA ASN A 15 9.27 -11.26 -37.92
C ASN A 15 7.79 -11.57 -38.11
N ALA A 16 6.95 -10.72 -37.52
CA ALA A 16 5.50 -10.90 -37.63
C ALA A 16 5.05 -10.80 -39.08
N ALA A 17 5.59 -9.83 -39.83
CA ALA A 17 5.22 -9.67 -41.22
C ALA A 17 5.60 -10.90 -42.04
N ALA A 18 6.76 -11.49 -41.74
CA ALA A 18 7.20 -12.68 -42.46
C ALA A 18 6.20 -13.82 -42.31
N LEU A 19 5.80 -14.11 -41.06
CA LEU A 19 4.82 -15.17 -40.82
C LEU A 19 3.49 -14.83 -41.47
N ARG A 20 3.06 -13.57 -41.36
CA ARG A 20 1.78 -13.16 -41.91
C ARG A 20 1.75 -13.38 -43.42
N PHE A 21 2.83 -13.01 -44.11
CA PHE A 21 2.85 -13.16 -45.56
C PHE A 21 3.02 -14.62 -45.97
N GLN A 22 3.89 -15.37 -45.29
CA GLN A 22 4.21 -16.72 -45.74
C GLN A 22 3.10 -17.72 -45.42
N PHE A 23 2.45 -17.58 -44.27
CA PHE A 23 1.49 -18.59 -43.81
C PHE A 23 0.04 -18.15 -43.98
N HIS A 24 -0.21 -16.96 -44.53
CA HIS A 24 -1.56 -16.48 -44.83
C HIS A 24 -2.43 -16.48 -43.56
N ILE A 25 -2.00 -15.69 -42.57
CA ILE A 25 -2.73 -15.53 -41.33
C ILE A 25 -2.90 -14.04 -41.07
N THR A 26 -3.76 -13.72 -40.11
CA THR A 26 -4.01 -12.33 -39.78
C THR A 26 -2.81 -11.71 -39.06
N ARG A 27 -2.72 -10.38 -39.13
CA ARG A 27 -1.59 -9.69 -38.55
C ARG A 27 -1.56 -9.85 -37.03
N GLU A 28 -2.73 -9.82 -36.40
CA GLU A 28 -2.78 -9.97 -34.94
C GLU A 28 -2.24 -11.32 -34.50
N GLN A 29 -2.58 -12.38 -35.24
CA GLN A 29 -2.06 -13.70 -34.90
C GLN A 29 -0.53 -13.73 -34.97
N ALA A 30 0.06 -13.15 -36.02
CA ALA A 30 1.51 -13.13 -36.13
C ALA A 30 2.13 -12.29 -35.01
N ARG A 31 1.51 -11.16 -34.68
CA ARG A 31 2.03 -10.33 -33.60
C ARG A 31 2.00 -11.08 -32.27
N GLU A 32 0.92 -11.80 -31.98
CA GLU A 32 0.89 -12.55 -30.74
C GLU A 32 1.83 -13.74 -30.78
N ILE A 33 2.05 -14.33 -31.95
CA ILE A 33 3.03 -15.41 -32.06
C ILE A 33 4.42 -14.91 -31.70
N VAL A 34 4.80 -13.75 -32.23
CA VAL A 34 6.13 -13.21 -31.94
C VAL A 34 6.20 -12.73 -30.49
N LYS A 35 5.06 -12.30 -29.93
CA LYS A 35 5.07 -11.86 -28.54
C LYS A 35 5.23 -13.02 -27.57
N LEU A 36 4.53 -14.13 -27.81
CA LEU A 36 4.57 -15.26 -26.88
C LEU A 36 5.92 -15.96 -26.84
N CYS A 37 6.81 -15.68 -27.78
CA CYS A 37 8.10 -16.37 -27.81
C CYS A 37 8.92 -15.99 -26.59
N PRO A 38 9.31 -16.96 -25.75
CA PRO A 38 10.09 -16.62 -24.55
C PRO A 38 11.45 -15.99 -24.89
N ASN A 39 12.07 -16.40 -25.98
CA ASN A 39 13.41 -15.91 -26.32
C ASN A 39 13.39 -14.52 -26.92
N CYS A 40 12.26 -14.05 -27.43
CA CYS A 40 12.20 -12.74 -28.03
C CYS A 40 12.40 -11.66 -26.96
N PRO A 41 13.12 -10.59 -27.27
CA PRO A 41 13.42 -9.58 -26.26
C PRO A 41 12.17 -8.82 -25.83
N ASP A 42 12.22 -8.33 -24.60
CA ASP A 42 11.13 -7.51 -24.07
C ASP A 42 11.15 -6.12 -24.70
N TRP A 43 9.96 -5.52 -24.79
CA TRP A 43 9.82 -4.21 -25.42
C TRP A 43 10.37 -3.11 -24.53
N GLY A 44 11.64 -2.74 -24.73
CA GLY A 44 12.23 -1.67 -23.95
C GLY A 44 11.62 -0.31 -24.24
N HIS A 45 11.30 -0.05 -25.51
CA HIS A 45 10.78 1.25 -25.94
C HIS A 45 9.32 1.35 -25.52
N ALA A 46 9.11 1.56 -24.22
CA ALA A 46 7.72 1.68 -23.81
C ALA A 46 7.27 3.14 -23.89
N PRO A 47 6.03 3.39 -24.30
CA PRO A 47 5.53 4.76 -24.39
C PRO A 47 5.33 5.40 -23.02
N GLN A 48 4.86 6.64 -23.00
CA GLN A 48 4.61 7.33 -21.75
C GLN A 48 3.45 6.68 -21.00
N LEU A 49 3.73 6.17 -19.80
CA LEU A 49 2.72 5.51 -18.99
C LEU A 49 2.46 6.22 -17.67
N GLY A 50 3.50 6.51 -16.90
CA GLY A 50 3.32 7.14 -15.61
C GLY A 50 3.55 8.65 -15.64
N VAL A 51 2.89 9.33 -14.70
CA VAL A 51 3.04 10.78 -14.54
C VAL A 51 3.12 11.08 -13.05
N ASN A 52 4.07 11.93 -12.68
CA ASN A 52 4.28 12.25 -11.27
C ASN A 52 3.17 13.17 -10.76
N PRO A 53 2.72 13.00 -9.51
CA PRO A 53 1.64 13.86 -9.00
C PRO A 53 2.09 15.31 -8.86
N ARG A 54 1.12 16.21 -8.95
CA ARG A 54 1.34 17.62 -8.73
C ARG A 54 0.27 18.16 -7.79
N GLY A 55 0.58 19.28 -7.13
CA GLY A 55 -0.38 19.92 -6.24
C GLY A 55 -1.29 20.85 -7.00
N LEU A 56 -2.57 20.83 -6.63
CA LEU A 56 -3.57 21.69 -7.24
C LEU A 56 -3.66 23.06 -6.58
N LYS A 57 -2.94 23.26 -5.48
CA LYS A 57 -2.84 24.52 -4.77
C LYS A 57 -1.39 24.81 -4.46
N PRO A 58 -0.98 26.07 -4.41
CA PRO A 58 0.39 26.38 -3.97
C PRO A 58 0.62 25.91 -2.55
N ARG A 59 1.87 25.50 -2.28
CA ARG A 59 2.32 25.05 -0.96
C ARG A 59 1.62 23.78 -0.52
N VAL A 60 1.41 22.84 -1.44
CA VAL A 60 0.83 21.53 -1.12
C VAL A 60 1.85 20.41 -1.28
N LEU A 61 2.46 20.30 -2.46
CA LEU A 61 3.41 19.24 -2.73
C LEU A 61 4.70 19.83 -3.28
N TRP A 62 5.83 19.47 -2.68
CA TRP A 62 7.14 19.91 -3.11
C TRP A 62 8.02 18.71 -3.44
N GLN A 63 8.97 18.92 -4.36
CA GLN A 63 10.03 17.96 -4.60
C GLN A 63 11.38 18.60 -4.26
N MET A 64 12.36 17.75 -3.99
CA MET A 64 13.64 18.24 -3.49
C MET A 64 14.74 17.23 -3.79
N ASP A 65 15.89 17.73 -4.23
CA ASP A 65 17.05 16.90 -4.49
C ASP A 65 18.28 17.81 -4.53
N VAL A 66 19.45 17.19 -4.50
CA VAL A 66 20.71 17.92 -4.51
C VAL A 66 21.38 17.73 -5.88
N THR A 67 22.41 18.53 -6.13
CA THR A 67 23.14 18.48 -7.38
C THR A 67 24.61 18.77 -7.08
N HIS A 68 25.39 19.05 -8.12
CA HIS A 68 26.82 19.31 -7.97
C HIS A 68 27.21 20.44 -8.92
N VAL A 69 27.54 21.60 -8.34
CA VAL A 69 28.08 22.72 -9.10
C VAL A 69 29.54 22.82 -8.71
N SER A 70 30.40 22.19 -9.50
CA SER A 70 31.82 22.12 -9.17
C SER A 70 32.49 23.49 -9.16
N GLU A 71 31.92 24.47 -9.85
CA GLU A 71 32.51 25.80 -9.89
C GLU A 71 32.48 26.49 -8.54
N PHE A 72 31.66 26.00 -7.61
CA PHE A 72 31.60 26.59 -6.27
C PHE A 72 32.70 26.10 -5.35
N GLY A 73 33.42 25.05 -5.73
CA GLY A 73 34.46 24.51 -4.87
C GLY A 73 33.90 23.72 -3.71
N LYS A 74 34.12 24.21 -2.49
CA LYS A 74 33.60 23.51 -1.31
C LYS A 74 32.09 23.63 -1.18
N LEU A 75 31.46 24.58 -1.88
CA LEU A 75 30.03 24.80 -1.83
C LEU A 75 29.30 24.13 -2.99
N LYS A 76 29.81 23.01 -3.50
CA LYS A 76 29.23 22.37 -4.67
C LYS A 76 27.90 21.69 -4.35
N TYR A 77 27.65 21.35 -3.09
CA TYR A 77 26.43 20.64 -2.69
C TYR A 77 25.27 21.64 -2.68
N VAL A 78 24.70 21.87 -3.86
CA VAL A 78 23.57 22.77 -4.01
C VAL A 78 22.28 22.02 -3.76
N HIS A 79 21.43 22.57 -2.91
CA HIS A 79 20.14 21.99 -2.58
C HIS A 79 19.05 22.77 -3.31
N VAL A 80 18.07 22.04 -3.85
CA VAL A 80 17.00 22.64 -4.65
C VAL A 80 15.66 22.13 -4.12
N THR A 81 14.74 23.06 -3.87
CA THR A 81 13.39 22.74 -3.41
C THR A 81 12.39 23.43 -4.34
N VAL A 82 11.47 22.65 -4.89
CA VAL A 82 10.57 23.12 -5.94
C VAL A 82 9.13 22.86 -5.52
N ASP A 83 8.27 23.87 -5.68
CA ASP A 83 6.84 23.66 -5.54
C ASP A 83 6.30 23.15 -6.88
N THR A 84 5.61 22.00 -6.85
CA THR A 84 5.23 21.34 -8.08
C THR A 84 4.16 22.12 -8.85
N TYR A 85 3.33 22.89 -8.16
CA TYR A 85 2.23 23.58 -8.83
C TYR A 85 2.71 24.76 -9.65
N SER A 86 3.31 25.75 -8.98
CA SER A 86 3.70 27.00 -9.62
C SER A 86 5.14 27.01 -10.09
N HIS A 87 5.86 25.91 -9.93
CA HIS A 87 7.28 25.80 -10.29
C HIS A 87 8.14 26.82 -9.55
N PHE A 88 7.67 27.30 -8.41
CA PHE A 88 8.48 28.18 -7.57
C PHE A 88 9.68 27.40 -7.04
N THR A 89 10.87 27.96 -7.18
CA THR A 89 12.11 27.26 -6.85
C THR A 89 12.95 28.07 -5.87
N PHE A 90 13.58 27.38 -4.94
CA PHE A 90 14.52 27.95 -4.00
C PHE A 90 15.77 27.08 -3.95
N ALA A 91 16.92 27.72 -3.79
CA ALA A 91 18.19 26.99 -3.83
C ALA A 91 19.13 27.54 -2.78
N THR A 92 20.00 26.66 -2.28
CA THR A 92 21.05 27.02 -1.34
C THR A 92 22.32 26.31 -1.73
N ALA A 93 23.44 27.01 -1.59
CA ALA A 93 24.77 26.44 -1.82
C ALA A 93 25.43 26.25 -0.46
N ARG A 94 25.41 25.02 0.04
CA ARG A 94 25.88 24.70 1.37
C ARG A 94 27.05 23.73 1.28
N THR A 95 28.14 24.05 1.98
CA THR A 95 29.28 23.16 2.01
C THR A 95 28.93 21.86 2.73
N GLY A 96 29.37 20.74 2.17
CA GLY A 96 28.98 19.48 2.74
C GLY A 96 27.51 19.21 2.50
N GLU A 97 27.06 18.07 3.02
CA GLU A 97 25.66 17.68 2.94
C GLU A 97 25.43 16.56 3.94
N ALA A 98 24.48 16.76 4.83
CA ALA A 98 24.15 15.80 5.89
C ALA A 98 22.78 16.16 6.42
N THR A 99 22.40 15.54 7.55
CA THR A 99 21.15 15.89 8.19
C THR A 99 21.13 17.34 8.63
N LYS A 100 22.26 17.84 9.13
CA LYS A 100 22.34 19.24 9.55
C LYS A 100 22.11 20.18 8.36
N ASP A 101 22.77 19.92 7.23
CA ASP A 101 22.63 20.78 6.08
C ASP A 101 21.22 20.68 5.49
N VAL A 102 20.65 19.48 5.47
CA VAL A 102 19.29 19.32 4.98
C VAL A 102 18.30 20.08 5.85
N LEU A 103 18.47 19.99 7.17
CA LEU A 103 17.57 20.72 8.07
C LEU A 103 17.71 22.22 7.87
N GLN A 104 18.94 22.72 7.73
CA GLN A 104 19.13 24.14 7.48
C GLN A 104 18.48 24.57 6.17
N HIS A 105 18.64 23.76 5.12
CA HIS A 105 18.01 24.08 3.84
C HIS A 105 16.50 24.08 3.95
N LEU A 106 15.93 23.12 4.69
CA LEU A 106 14.49 23.07 4.89
C LEU A 106 14.00 24.31 5.61
N ALA A 107 14.72 24.74 6.65
CA ALA A 107 14.32 25.94 7.39
C ALA A 107 14.37 27.18 6.49
N GLN A 108 15.45 27.32 5.72
CA GLN A 108 15.56 28.48 4.85
C GLN A 108 14.51 28.46 3.75
N SER A 109 14.20 27.28 3.22
CA SER A 109 13.15 27.17 2.21
C SER A 109 11.78 27.52 2.79
N PHE A 110 11.51 27.08 4.02
CA PHE A 110 10.26 27.45 4.67
C PHE A 110 10.19 28.95 4.87
N ALA A 111 11.31 29.57 5.26
CA ALA A 111 11.35 31.03 5.36
C ALA A 111 11.11 31.67 4.00
N TYR A 112 11.54 31.01 2.93
CA TYR A 112 11.42 31.58 1.58
C TYR A 112 10.06 31.31 0.95
N MET A 113 9.44 30.18 1.24
CA MET A 113 8.16 29.83 0.61
C MET A 113 7.02 29.74 1.61
N GLY A 114 7.19 28.93 2.65
CA GLY A 114 6.15 28.71 3.63
C GLY A 114 6.00 27.24 3.93
N ILE A 115 4.90 26.90 4.61
CA ILE A 115 4.64 25.51 5.00
C ILE A 115 4.10 24.72 3.83
N PRO A 116 4.77 23.65 3.43
CA PRO A 116 4.19 22.69 2.50
C PRO A 116 3.42 21.61 3.26
N GLN A 117 2.63 20.85 2.51
CA GLN A 117 1.81 19.82 3.14
C GLN A 117 2.32 18.42 2.84
N LYS A 118 2.95 18.20 1.70
CA LYS A 118 3.66 16.97 1.40
C LYS A 118 4.96 17.30 0.70
N ILE A 119 6.04 16.65 1.09
CA ILE A 119 7.35 16.84 0.48
C ILE A 119 7.81 15.50 -0.08
N LYS A 120 7.94 15.42 -1.40
CA LYS A 120 8.50 14.25 -2.03
C LYS A 120 9.99 14.47 -2.32
N THR A 121 10.77 13.42 -2.15
CA THR A 121 12.20 13.47 -2.40
C THR A 121 12.62 12.16 -3.04
N ASP A 122 13.91 11.98 -3.20
CA ASP A 122 14.45 10.68 -3.57
C ASP A 122 14.65 9.85 -2.31
N ASN A 123 15.28 8.68 -2.48
CA ASN A 123 15.47 7.77 -1.35
C ASN A 123 16.88 7.87 -0.77
N ALA A 124 17.45 9.07 -0.73
CA ALA A 124 18.79 9.29 -0.21
C ALA A 124 18.84 8.98 1.28
N PRO A 125 19.99 8.54 1.79
CA PRO A 125 20.08 8.24 3.24
C PRO A 125 19.81 9.45 4.12
N ALA A 126 20.13 10.65 3.64
CA ALA A 126 19.92 11.85 4.45
C ALA A 126 18.45 12.07 4.75
N TYR A 127 17.57 11.82 3.78
CA TYR A 127 16.15 12.01 3.95
C TYR A 127 15.45 10.82 4.61
N VAL A 128 16.22 9.86 5.13
CA VAL A 128 15.65 8.68 5.76
C VAL A 128 15.92 8.65 7.27
N SER A 129 16.98 9.29 7.74
CA SER A 129 17.34 9.26 9.16
C SER A 129 16.18 9.70 10.03
N ARG A 130 16.16 9.21 11.28
CA ARG A 130 15.06 9.55 12.17
C ARG A 130 15.08 11.03 12.54
N SER A 131 16.22 11.69 12.36
CA SER A 131 16.28 13.12 12.67
C SER A 131 15.37 13.92 11.74
N ILE A 132 15.51 13.73 10.43
CA ILE A 132 14.70 14.49 9.48
C ILE A 132 13.25 14.05 9.52
N GLN A 133 13.01 12.74 9.67
CA GLN A 133 11.64 12.26 9.77
C GLN A 133 10.95 12.79 11.03
N GLU A 134 11.67 12.83 12.14
CA GLU A 134 11.14 13.41 13.37
C GLU A 134 10.84 14.89 13.19
N PHE A 135 11.75 15.62 12.53
CA PHE A 135 11.51 17.03 12.28
C PHE A 135 10.26 17.24 11.43
N LEU A 136 10.11 16.47 10.36
CA LEU A 136 8.95 16.62 9.49
C LEU A 136 7.66 16.25 10.21
N ALA A 137 7.68 15.17 11.00
CA ALA A 137 6.49 14.78 11.76
C ALA A 137 6.14 15.84 12.79
N ARG A 138 7.14 16.44 13.43
CA ARG A 138 6.88 17.51 14.39
C ARG A 138 6.28 18.72 13.70
N TRP A 139 6.75 19.04 12.49
CA TRP A 139 6.20 20.18 11.76
C TRP A 139 4.95 19.81 10.96
N LYS A 140 4.48 18.56 11.06
CA LYS A 140 3.27 18.11 10.38
C LYS A 140 3.40 18.24 8.86
N ILE A 141 4.45 17.63 8.32
CA ILE A 141 4.73 17.66 6.89
C ILE A 141 4.94 16.22 6.45
N SER A 142 4.02 15.71 5.63
CA SER A 142 4.14 14.36 5.11
C SER A 142 5.32 14.24 4.15
N HIS A 143 6.00 13.10 4.20
CA HIS A 143 7.18 12.85 3.38
C HIS A 143 6.96 11.55 2.58
N VAL A 144 7.28 11.60 1.29
CA VAL A 144 7.17 10.44 0.41
C VAL A 144 8.57 10.09 -0.06
N THR A 145 8.99 8.85 0.19
CA THR A 145 10.35 8.44 -0.12
C THR A 145 10.58 8.34 -1.63
N GLY A 146 9.67 7.68 -2.34
CA GLY A 146 9.83 7.46 -3.76
C GLY A 146 10.61 6.20 -4.08
N ILE A 147 10.45 5.74 -5.32
CA ILE A 147 11.09 4.50 -5.78
C ILE A 147 12.59 4.74 -5.97
N PRO A 148 13.45 3.87 -5.46
CA PRO A 148 14.89 4.06 -5.66
C PRO A 148 15.28 3.93 -7.12
N TYR A 149 16.35 4.63 -7.49
CA TYR A 149 16.91 4.61 -8.85
C TYR A 149 15.90 5.04 -9.90
N ASN A 150 14.96 5.91 -9.51
CA ASN A 150 13.90 6.38 -10.41
C ASN A 150 13.86 7.90 -10.37
N PRO A 151 14.75 8.57 -11.10
CA PRO A 151 14.71 10.04 -11.13
C PRO A 151 13.42 10.60 -11.71
N GLN A 152 12.70 9.81 -12.52
CA GLN A 152 11.44 10.29 -13.07
C GLN A 152 10.41 10.61 -11.99
N GLY A 153 10.55 10.01 -10.80
CA GLY A 153 9.70 10.41 -9.68
C GLY A 153 9.99 11.82 -9.21
N GLN A 154 11.22 12.30 -9.40
CA GLN A 154 11.59 13.66 -9.06
C GLN A 154 11.93 14.41 -10.34
N ALA A 155 11.26 14.06 -11.43
CA ALA A 155 11.47 14.71 -12.73
C ALA A 155 11.33 16.23 -12.63
N ILE A 156 10.38 16.71 -11.82
CA ILE A 156 10.18 18.15 -11.71
C ILE A 156 11.43 18.82 -11.17
N VAL A 157 11.97 18.30 -10.07
CA VAL A 157 13.14 18.93 -9.47
C VAL A 157 14.36 18.74 -10.36
N GLU A 158 14.41 17.64 -11.13
CA GLU A 158 15.52 17.46 -12.06
C GLU A 158 15.48 18.50 -13.18
N ARG A 159 14.30 18.76 -13.73
CA ARG A 159 14.18 19.80 -14.75
C ARG A 159 14.51 21.17 -14.16
N THR A 160 14.11 21.39 -12.90
CA THR A 160 14.50 22.64 -12.24
C THR A 160 16.01 22.70 -12.02
N HIS A 161 16.66 21.57 -11.77
CA HIS A 161 18.11 21.54 -11.73
C HIS A 161 18.70 22.00 -13.06
N GLN A 162 18.13 21.52 -14.17
CA GLN A 162 18.58 21.97 -15.48
C GLN A 162 18.44 23.49 -15.61
N ASN A 163 17.26 24.01 -15.25
CA ASN A 163 17.02 25.44 -15.38
C ASN A 163 17.97 26.25 -14.50
N ILE A 164 18.17 25.80 -13.26
CA ILE A 164 19.04 26.52 -12.33
C ILE A 164 20.48 26.50 -12.81
N LYS A 165 20.95 25.35 -13.30
CA LYS A 165 22.32 25.28 -13.81
C LYS A 165 22.49 26.19 -15.02
N ALA A 166 21.50 26.23 -15.91
CA ALA A 166 21.58 27.14 -17.05
C ALA A 166 21.64 28.59 -16.60
N GLN A 167 20.80 28.97 -15.62
CA GLN A 167 20.78 30.34 -15.15
C GLN A 167 22.09 30.72 -14.48
N LEU A 168 22.65 29.81 -13.67
CA LEU A 168 23.95 30.05 -13.05
C LEU A 168 25.05 30.21 -14.09
N ASN A 169 25.03 29.38 -15.13
CA ASN A 169 26.01 29.55 -16.20
C ASN A 169 25.87 30.91 -16.87
N LYS A 170 24.63 31.31 -17.15
CA LYS A 170 24.40 32.61 -17.79
C LYS A 170 24.92 33.75 -16.92
N LEU A 171 24.56 33.75 -15.65
CA LEU A 171 24.96 34.86 -14.78
C LEU A 171 26.45 34.84 -14.48
N GLN A 172 27.06 33.65 -14.41
CA GLN A 172 28.51 33.58 -14.21
C GLN A 172 29.25 34.13 -15.42
N LYS A 173 28.78 33.82 -16.63
CA LYS A 173 29.38 34.41 -17.82
C LYS A 173 29.06 35.91 -17.92
N ALA A 174 27.98 36.36 -17.30
CA ALA A 174 27.60 37.77 -17.38
C ALA A 174 28.62 38.67 -16.70
N GLY A 175 29.09 38.29 -15.53
CA GLY A 175 30.02 39.12 -14.78
C GLY A 175 30.72 38.36 -13.69
N LYS A 176 31.01 39.06 -12.58
CA LYS A 176 31.73 38.51 -11.45
C LYS A 176 30.89 38.64 -10.18
N TYR A 177 30.99 37.65 -9.30
CA TYR A 177 30.29 37.65 -8.04
C TYR A 177 31.24 37.33 -6.91
N TYR A 178 31.00 37.94 -5.74
CA TYR A 178 31.90 37.78 -4.61
C TYR A 178 31.92 36.35 -4.10
N THR A 179 30.74 35.79 -3.84
CA THR A 179 30.59 34.46 -3.26
C THR A 179 29.55 33.68 -4.05
N PRO A 180 29.59 32.35 -3.99
CA PRO A 180 28.53 31.57 -4.64
C PRO A 180 27.14 31.90 -4.11
N HIS A 181 27.04 32.33 -2.85
CA HIS A 181 25.73 32.72 -2.32
C HIS A 181 25.16 33.90 -3.09
N HIS A 182 25.98 34.89 -3.42
CA HIS A 182 25.49 36.05 -4.17
C HIS A 182 25.01 35.65 -5.55
N LEU A 183 25.79 34.83 -6.26
CA LEU A 183 25.39 34.39 -7.59
C LEU A 183 24.10 33.57 -7.52
N LEU A 184 24.00 32.67 -6.54
CA LEU A 184 22.80 31.85 -6.42
C LEU A 184 21.58 32.70 -6.08
N ALA A 185 21.76 33.72 -5.22
CA ALA A 185 20.66 34.61 -4.89
C ALA A 185 20.19 35.38 -6.12
N HIS A 186 21.14 35.87 -6.93
CA HIS A 186 20.75 36.59 -8.15
C HIS A 186 20.02 35.66 -9.12
N ALA A 187 20.51 34.44 -9.28
CA ALA A 187 19.86 33.49 -10.18
C ALA A 187 18.45 33.15 -9.70
N LEU A 188 18.29 32.93 -8.40
CA LEU A 188 16.97 32.66 -7.85
C LEU A 188 16.04 33.85 -8.04
N PHE A 189 16.55 35.07 -7.82
CA PHE A 189 15.75 36.26 -8.04
C PHE A 189 15.25 36.32 -9.47
N VAL A 190 16.14 36.11 -10.44
CA VAL A 190 15.72 36.15 -11.83
C VAL A 190 14.68 35.08 -12.11
N LEU A 191 14.98 33.83 -11.73
CA LEU A 191 14.09 32.72 -12.05
C LEU A 191 12.72 32.88 -11.42
N ASN A 192 12.65 33.46 -10.23
CA ASN A 192 11.40 33.56 -9.50
C ASN A 192 10.60 34.81 -9.86
N HIS A 193 11.20 35.99 -9.84
CA HIS A 193 10.47 37.23 -9.99
C HIS A 193 10.59 37.86 -11.36
N VAL A 194 11.50 37.39 -12.21
CA VAL A 194 11.76 38.00 -13.51
C VAL A 194 11.46 37.04 -14.66
N ASN A 195 11.80 35.76 -14.50
CA ASN A 195 11.62 34.77 -15.56
C ASN A 195 10.13 34.48 -15.70
N MET A 196 9.44 35.37 -16.41
CA MET A 196 8.00 35.31 -16.56
C MET A 196 7.62 34.28 -17.63
N ASP A 197 6.45 33.66 -17.44
CA ASP A 197 5.97 32.64 -18.37
C ASP A 197 5.34 33.30 -19.59
N ASN A 198 4.66 32.50 -20.42
CA ASN A 198 4.02 33.02 -21.62
C ASN A 198 2.64 33.61 -21.36
N GLN A 199 2.10 33.46 -20.16
CA GLN A 199 0.80 34.01 -19.81
C GLN A 199 0.91 35.30 -19.02
N GLY A 200 2.09 35.90 -18.96
CA GLY A 200 2.28 37.12 -18.20
C GLY A 200 2.16 36.94 -16.71
N HIS A 201 2.71 35.84 -16.17
CA HIS A 201 2.65 35.56 -14.75
C HIS A 201 4.02 35.09 -14.27
N THR A 202 4.62 35.83 -13.36
CA THR A 202 5.87 35.37 -12.75
C THR A 202 5.59 34.17 -11.86
N ALA A 203 6.66 33.41 -11.58
CA ALA A 203 6.53 32.26 -10.70
C ALA A 203 6.13 32.69 -9.29
N ALA A 204 6.63 33.84 -8.85
CA ALA A 204 6.32 34.32 -7.50
C ALA A 204 4.84 34.59 -7.34
N GLU A 205 4.21 35.24 -8.33
CA GLU A 205 2.80 35.54 -8.23
C GLU A 205 1.92 34.35 -8.59
N ARG A 206 2.48 33.32 -9.23
CA ARG A 206 1.75 32.06 -9.35
C ARG A 206 1.73 31.31 -8.03
N HIS A 207 2.85 31.32 -7.32
CA HIS A 207 2.93 30.67 -6.01
C HIS A 207 2.15 31.41 -4.94
N TRP A 208 1.78 32.67 -5.18
CA TRP A 208 1.19 33.49 -4.14
C TRP A 208 0.03 34.33 -4.67
N GLY A 209 -0.66 33.86 -5.69
CA GLY A 209 -1.80 34.53 -6.22
C GLY A 209 -3.06 33.71 -6.11
N PRO A 210 -4.22 34.31 -6.38
CA PRO A 210 -5.48 33.57 -6.30
C PRO A 210 -5.56 32.49 -7.38
N ILE A 211 -6.25 31.41 -7.03
CA ILE A 211 -6.49 30.33 -7.98
C ILE A 211 -7.76 30.64 -8.78
N SER A 212 -7.60 30.79 -10.09
CA SER A 212 -8.71 31.07 -10.98
C SER A 212 -8.55 30.29 -12.28
N ALA A 213 -9.68 29.87 -12.84
CA ALA A 213 -9.67 29.14 -14.10
C ALA A 213 -11.05 29.24 -14.74
N ASP A 214 -11.08 28.99 -16.04
CA ASP A 214 -12.34 28.91 -16.76
C ASP A 214 -13.08 27.64 -16.38
N PRO A 215 -14.40 27.57 -16.66
CA PRO A 215 -15.13 26.31 -16.46
C PRO A 215 -14.40 25.13 -17.09
N LYS A 216 -13.98 24.18 -16.26
CA LYS A 216 -13.10 23.11 -16.71
C LYS A 216 -13.82 22.23 -17.72
N PRO A 217 -13.13 21.79 -18.78
CA PRO A 217 -13.80 21.02 -19.82
C PRO A 217 -14.07 19.59 -19.39
N MET A 218 -14.92 18.92 -20.16
CA MET A 218 -15.28 17.53 -19.94
C MET A 218 -14.63 16.68 -21.03
N VAL A 219 -13.91 15.64 -20.62
CA VAL A 219 -13.08 14.86 -21.53
C VAL A 219 -13.30 13.37 -21.26
N MET A 220 -13.33 12.59 -22.33
CA MET A 220 -13.29 11.14 -22.20
C MET A 220 -12.02 10.71 -21.49
N TRP A 221 -12.14 9.70 -20.64
CA TRP A 221 -11.07 9.28 -19.76
C TRP A 221 -10.92 7.76 -19.79
N LYS A 222 -9.69 7.31 -19.99
CA LYS A 222 -9.37 5.88 -20.03
C LYS A 222 -8.75 5.50 -18.69
N ASP A 223 -9.49 4.75 -17.88
CA ASP A 223 -8.99 4.28 -16.59
C ASP A 223 -8.11 3.06 -16.84
N LEU A 224 -6.82 3.21 -16.59
CA LEU A 224 -5.88 2.13 -16.85
C LEU A 224 -6.11 0.95 -15.93
N LEU A 225 -6.69 1.18 -14.75
CA LEU A 225 -6.92 0.10 -13.80
C LEU A 225 -8.08 -0.80 -14.23
N THR A 226 -9.04 -0.26 -14.98
CA THR A 226 -10.13 -1.05 -15.52
C THR A 226 -10.06 -1.22 -17.03
N GLY A 227 -9.27 -0.39 -17.71
CA GLY A 227 -9.09 -0.54 -19.14
C GLY A 227 -10.29 -0.17 -19.99
N SER A 228 -11.16 0.70 -19.48
CA SER A 228 -12.34 1.12 -20.22
C SER A 228 -12.39 2.64 -20.30
N TRP A 229 -12.88 3.15 -21.43
CA TRP A 229 -13.04 4.58 -21.63
C TRP A 229 -14.31 5.03 -20.91
N LYS A 230 -14.15 5.58 -19.72
CA LYS A 230 -15.27 6.00 -18.89
C LYS A 230 -15.25 7.52 -18.73
N GLY A 231 -16.43 8.12 -18.87
CA GLY A 231 -16.57 9.56 -18.75
C GLY A 231 -18.00 10.00 -18.96
N PRO A 232 -18.20 11.32 -19.11
CA PRO A 232 -17.16 12.35 -19.05
C PRO A 232 -16.79 12.74 -17.61
N ASP A 233 -15.62 13.32 -17.43
CA ASP A 233 -15.15 13.75 -16.13
C ASP A 233 -14.52 15.13 -16.24
N VAL A 234 -14.52 15.84 -15.11
CA VAL A 234 -13.98 17.20 -15.09
C VAL A 234 -12.45 17.13 -15.11
N LEU A 235 -11.85 17.85 -16.05
CA LEU A 235 -10.39 17.93 -16.17
C LEU A 235 -9.91 19.14 -15.39
N ILE A 236 -9.28 18.89 -14.23
CA ILE A 236 -8.87 19.99 -13.36
C ILE A 236 -7.72 20.78 -14.00
N THR A 237 -6.60 20.12 -14.24
CA THR A 237 -5.44 20.76 -14.84
C THR A 237 -4.88 19.89 -15.95
N ALA A 238 -4.24 20.53 -16.93
CA ALA A 238 -3.67 19.83 -18.05
C ALA A 238 -2.47 20.63 -18.57
N GLY A 239 -1.60 19.93 -19.31
CA GLY A 239 -0.42 20.55 -19.86
C GLY A 239 0.27 19.67 -20.88
N ARG A 240 1.60 19.64 -20.85
CA ARG A 240 2.38 18.79 -21.74
C ARG A 240 2.68 17.48 -21.03
N GLY A 241 1.96 16.43 -21.41
CA GLY A 241 2.21 15.10 -20.90
C GLY A 241 1.52 14.76 -19.60
N TYR A 242 0.74 15.66 -19.02
CA TYR A 242 0.05 15.40 -17.77
C TYR A 242 -1.39 15.86 -17.83
N ALA A 243 -2.24 15.22 -17.03
CA ALA A 243 -3.63 15.59 -16.91
C ALA A 243 -4.14 15.14 -15.55
N CYS A 244 -5.15 15.84 -15.04
CA CYS A 244 -5.69 15.59 -13.71
C CYS A 244 -7.22 15.63 -13.79
N VAL A 245 -7.82 14.48 -13.98
CA VAL A 245 -9.29 14.36 -14.00
C VAL A 245 -9.76 14.07 -12.59
N PHE A 246 -10.97 14.54 -12.28
CA PHE A 246 -11.57 14.35 -10.96
C PHE A 246 -12.98 13.80 -11.12
N PRO A 247 -13.12 12.49 -11.22
CA PRO A 247 -14.46 11.89 -11.29
C PRO A 247 -15.23 12.12 -10.00
N GLN A 248 -16.57 12.12 -10.14
CA GLN A 248 -17.42 12.38 -8.99
C GLN A 248 -17.26 11.31 -7.92
N ASP A 249 -17.19 10.04 -8.32
CA ASP A 249 -17.08 8.94 -7.38
C ASP A 249 -15.67 8.72 -6.86
N ALA A 250 -14.66 9.32 -7.48
CA ALA A 250 -13.28 9.09 -7.08
C ALA A 250 -12.99 9.77 -5.74
N GLU A 251 -12.23 9.09 -4.89
CA GLU A 251 -11.86 9.67 -3.61
C GLU A 251 -10.87 10.82 -3.78
N SER A 252 -9.94 10.68 -4.70
CA SER A 252 -8.91 11.67 -4.96
C SER A 252 -8.76 11.86 -6.45
N PRO A 253 -8.25 13.01 -6.89
CA PRO A 253 -8.01 13.21 -8.32
C PRO A 253 -7.00 12.22 -8.87
N ILE A 254 -7.15 11.88 -10.14
CA ILE A 254 -6.35 10.88 -10.81
C ILE A 254 -5.45 11.56 -11.83
N TRP A 255 -4.16 11.24 -11.78
CA TRP A 255 -3.18 11.80 -12.68
C TRP A 255 -2.89 10.79 -13.79
N VAL A 256 -3.17 11.17 -15.03
CA VAL A 256 -2.97 10.31 -16.19
C VAL A 256 -2.28 11.10 -17.28
N PRO A 257 -1.52 10.46 -18.18
CA PRO A 257 -0.86 11.22 -19.25
C PRO A 257 -1.84 11.76 -20.28
N ASP A 258 -1.32 12.50 -21.27
CA ASP A 258 -2.19 13.12 -22.26
C ASP A 258 -2.77 12.10 -23.23
N ARG A 259 -2.07 11.00 -23.47
CA ARG A 259 -2.55 10.01 -24.44
C ARG A 259 -3.86 9.36 -24.02
N PHE A 260 -4.20 9.42 -22.73
CA PHE A 260 -5.42 8.80 -22.22
C PHE A 260 -6.56 9.80 -22.10
N ILE A 261 -6.39 11.03 -22.58
CA ILE A 261 -7.41 12.06 -22.52
C ILE A 261 -7.92 12.32 -23.93
N ARG A 262 -9.24 12.23 -24.10
CA ARG A 262 -9.87 12.46 -25.39
C ARG A 262 -10.95 13.52 -25.24
N PRO A 263 -10.97 14.55 -26.08
CA PRO A 263 -11.99 15.59 -25.97
C PRO A 263 -13.38 15.03 -26.21
N PHE A 264 -14.36 15.60 -25.51
CA PHE A 264 -15.75 15.19 -25.62
C PHE A 264 -16.63 16.38 -25.99
N THR A 265 -17.59 16.14 -26.87
CA THR A 265 -18.52 17.18 -27.30
C THR A 265 -19.98 16.73 -27.15
N ALA B 1 -8.75 20.22 19.23
CA ALA B 1 -8.29 21.35 18.42
C ALA B 1 -7.44 22.30 19.27
N LEU B 2 -7.88 22.55 20.50
CA LEU B 2 -7.14 23.45 21.37
C LEU B 2 -5.76 22.92 21.68
N GLU B 3 -5.65 21.60 21.91
CA GLU B 3 -4.33 21.02 22.17
C GLU B 3 -3.43 21.11 20.95
N SER B 4 -4.00 20.98 19.75
CA SER B 4 -3.21 21.19 18.53
C SER B 4 -2.70 22.62 18.46
N ALA B 5 -3.53 23.58 18.83
CA ALA B 5 -3.09 24.98 18.88
C ALA B 5 -1.98 25.16 19.90
N GLN B 6 -2.08 24.47 21.04
CA GLN B 6 -1.03 24.58 22.05
C GLN B 6 0.30 24.02 21.53
N GLU B 7 0.26 22.87 20.86
CA GLU B 7 1.50 22.33 20.28
C GLU B 7 2.04 23.25 19.20
N SER B 8 1.16 23.83 18.39
CA SER B 8 1.62 24.76 17.34
C SER B 8 2.27 25.99 17.95
N HIS B 9 1.73 26.50 19.05
CA HIS B 9 2.36 27.65 19.71
C HIS B 9 3.68 27.25 20.34
N ALA B 10 3.76 26.03 20.90
CA ALA B 10 5.01 25.58 21.49
C ALA B 10 6.10 25.48 20.44
N LEU B 11 5.76 25.01 19.24
CA LEU B 11 6.74 24.93 18.17
C LEU B 11 7.06 26.31 17.61
N HIS B 12 6.06 27.00 17.05
CA HIS B 12 6.20 28.35 16.56
C HIS B 12 5.43 29.30 17.47
N HIS B 13 6.11 30.32 17.98
CA HIS B 13 5.48 31.29 18.88
C HIS B 13 4.93 32.44 18.05
N GLN B 14 3.63 32.40 17.79
CA GLN B 14 2.92 33.45 17.07
C GLN B 14 1.90 34.12 18.00
N ASN B 15 1.24 35.14 17.48
CA ASN B 15 0.20 35.83 18.23
C ASN B 15 -1.11 35.05 18.20
N ALA B 16 -2.04 35.46 19.05
CA ALA B 16 -3.31 34.74 19.18
C ALA B 16 -4.12 34.79 17.89
N ALA B 17 -3.98 35.86 17.11
CA ALA B 17 -4.76 36.00 15.89
C ALA B 17 -4.45 34.87 14.91
N ALA B 18 -3.17 34.54 14.73
CA ALA B 18 -2.81 33.46 13.81
C ALA B 18 -3.38 32.12 14.28
N LEU B 19 -3.28 31.84 15.57
CA LEU B 19 -3.80 30.59 16.11
C LEU B 19 -5.32 30.50 15.91
N ARG B 20 -6.03 31.57 16.21
CA ARG B 20 -7.48 31.54 16.09
C ARG B 20 -7.95 31.53 14.64
N PHE B 21 -7.17 32.09 13.71
CA PHE B 21 -7.52 32.04 12.31
C PHE B 21 -7.16 30.71 11.65
N GLN B 22 -6.15 30.01 12.17
CA GLN B 22 -5.73 28.75 11.58
C GLN B 22 -6.40 27.53 12.21
N PHE B 23 -6.88 27.64 13.44
CA PHE B 23 -7.47 26.51 14.14
C PHE B 23 -8.89 26.76 14.60
N HIS B 24 -9.53 27.85 14.15
CA HIS B 24 -10.91 28.17 14.50
C HIS B 24 -11.11 28.24 16.01
N ILE B 25 -10.18 28.90 16.69
CA ILE B 25 -10.26 29.05 18.14
C ILE B 25 -10.91 30.39 18.50
N THR B 26 -11.54 30.43 19.67
CA THR B 26 -12.19 31.64 20.12
C THR B 26 -11.15 32.61 20.69
N ARG B 27 -11.53 33.89 20.78
CA ARG B 27 -10.58 34.95 21.12
C ARG B 27 -9.90 34.68 22.47
N GLU B 28 -10.69 34.50 23.53
CA GLU B 28 -10.11 34.37 24.87
C GLU B 28 -9.28 33.11 25.00
N GLN B 29 -9.70 32.02 24.35
CA GLN B 29 -8.92 30.80 24.41
C GLN B 29 -7.54 30.98 23.78
N ALA B 30 -7.50 31.61 22.59
CA ALA B 30 -6.21 31.84 21.93
C ALA B 30 -5.33 32.78 22.76
N ARG B 31 -5.92 33.84 23.33
CA ARG B 31 -5.12 34.76 24.13
C ARG B 31 -4.59 34.08 25.39
N GLU B 32 -5.40 33.22 26.00
CA GLU B 32 -4.96 32.49 27.19
C GLU B 32 -3.85 31.51 26.83
N ILE B 33 -3.94 30.85 25.67
CA ILE B 33 -2.86 30.00 25.22
C ILE B 33 -1.58 30.80 25.02
N VAL B 34 -1.70 31.99 24.44
CA VAL B 34 -0.54 32.84 24.24
C VAL B 34 0.08 33.23 25.58
N LYS B 35 -0.76 33.59 26.55
CA LYS B 35 -0.25 33.99 27.86
C LYS B 35 0.39 32.80 28.59
N LEU B 36 -0.01 31.57 28.24
CA LEU B 36 0.51 30.40 28.95
C LEU B 36 2.00 30.19 28.71
N CYS B 37 2.50 30.62 27.55
CA CYS B 37 3.91 30.38 27.24
C CYS B 37 4.79 31.12 28.23
N PRO B 38 5.89 30.50 28.70
CA PRO B 38 6.71 31.16 29.73
C PRO B 38 7.30 32.50 29.31
N ASN B 39 7.66 32.66 28.04
CA ASN B 39 8.33 33.87 27.57
C ASN B 39 7.50 34.67 26.57
N CYS B 40 6.17 34.62 26.68
CA CYS B 40 5.29 35.47 25.87
C CYS B 40 4.55 36.43 26.80
N PRO B 41 5.02 37.68 26.93
CA PRO B 41 4.38 38.70 27.77
C PRO B 41 3.02 39.12 27.22
N GLY B 55 3.70 54.50 2.60
CA GLY B 55 3.48 53.77 1.37
C GLY B 55 2.07 53.24 1.23
N LEU B 56 1.67 52.93 -0.01
CA LEU B 56 0.34 52.41 -0.28
C LEU B 56 0.34 51.20 -1.20
N LYS B 57 1.45 50.87 -1.84
CA LYS B 57 1.54 49.73 -2.74
C LYS B 57 2.76 48.90 -2.37
N PRO B 58 2.66 47.58 -2.40
CA PRO B 58 3.80 46.74 -2.05
C PRO B 58 4.91 46.82 -3.08
N ARG B 59 6.13 46.50 -2.62
CA ARG B 59 7.33 46.53 -3.45
C ARG B 59 7.56 47.90 -4.06
N VAL B 60 7.33 48.95 -3.27
CA VAL B 60 7.53 50.32 -3.73
C VAL B 60 8.66 50.95 -2.94
N LEU B 61 8.50 51.06 -1.63
CA LEU B 61 9.45 51.74 -0.76
C LEU B 61 9.90 50.78 0.34
N TRP B 62 11.17 50.38 0.30
CA TRP B 62 11.74 49.54 1.33
C TRP B 62 12.46 50.42 2.36
N GLN B 63 13.20 49.81 3.28
CA GLN B 63 14.08 50.53 4.17
C GLN B 63 15.05 49.52 4.79
N MET B 64 16.24 50.00 5.15
CA MET B 64 17.28 49.13 5.66
C MET B 64 17.96 49.80 6.86
N ASP B 65 18.59 48.97 7.68
CA ASP B 65 19.37 49.38 8.83
C ASP B 65 20.10 48.16 9.35
N VAL B 66 21.21 48.40 10.06
CA VAL B 66 22.05 47.35 10.61
C VAL B 66 21.97 47.41 12.12
N THR B 67 21.56 46.32 12.75
CA THR B 67 21.43 46.24 14.20
C THR B 67 22.42 45.22 14.76
N HIS B 68 22.55 45.22 16.08
CA HIS B 68 23.48 44.34 16.78
C HIS B 68 22.70 43.45 17.73
N VAL B 69 23.01 42.15 17.69
CA VAL B 69 22.41 41.17 18.59
C VAL B 69 23.53 40.47 19.34
N SER B 70 23.43 40.43 20.67
CA SER B 70 24.49 39.85 21.49
C SER B 70 24.51 38.34 21.44
N GLU B 71 23.39 37.69 21.11
CA GLU B 71 23.32 36.24 21.12
C GLU B 71 24.24 35.62 20.08
N PHE B 72 24.32 36.24 18.89
CA PHE B 72 25.09 35.64 17.80
C PHE B 72 26.59 35.69 18.07
N GLY B 73 27.06 36.75 18.71
CA GLY B 73 28.48 36.87 19.04
C GLY B 73 29.33 37.39 17.88
N LYS B 74 29.59 36.53 16.90
CA LYS B 74 30.39 36.93 15.75
C LYS B 74 29.54 37.48 14.62
N LEU B 75 28.30 37.01 14.47
CA LEU B 75 27.37 37.47 13.44
C LEU B 75 26.38 38.48 13.99
N LYS B 76 26.82 39.33 14.93
CA LYS B 76 25.92 40.28 15.56
C LYS B 76 25.35 41.30 14.57
N TYR B 77 25.99 41.49 13.42
CA TYR B 77 25.53 42.44 12.43
C TYR B 77 24.36 41.83 11.66
N VAL B 78 23.16 42.33 11.91
CA VAL B 78 21.95 41.85 11.27
C VAL B 78 21.40 42.96 10.40
N HIS B 79 21.33 42.72 9.10
CA HIS B 79 20.74 43.65 8.15
C HIS B 79 19.29 43.28 7.90
N VAL B 80 18.40 44.26 8.02
CA VAL B 80 16.96 44.04 7.93
C VAL B 80 16.40 44.93 6.82
N THR B 81 15.60 44.33 5.94
CA THR B 81 14.96 45.05 4.84
C THR B 81 13.45 45.01 5.07
N VAL B 82 12.85 46.19 5.25
CA VAL B 82 11.44 46.30 5.63
C VAL B 82 10.69 46.98 4.50
N ASP B 83 9.68 46.30 3.96
CA ASP B 83 8.75 46.94 3.05
C ASP B 83 7.82 47.87 3.85
N THR B 84 7.70 49.12 3.40
CA THR B 84 6.93 50.09 4.17
C THR B 84 5.45 49.78 4.18
N TYR B 85 4.93 49.18 3.10
CA TYR B 85 3.48 48.98 2.99
C TYR B 85 3.03 47.74 3.76
N SER B 86 3.54 46.57 3.38
CA SER B 86 3.08 45.30 3.91
C SER B 86 3.90 44.78 5.08
N HIS B 87 4.97 45.48 5.47
CA HIS B 87 5.82 45.08 6.58
C HIS B 87 6.41 43.68 6.38
N PHE B 88 6.64 43.30 5.13
CA PHE B 88 7.31 42.03 4.84
C PHE B 88 8.78 42.15 5.23
N THR B 89 9.19 41.40 6.24
CA THR B 89 10.49 41.60 6.89
C THR B 89 11.45 40.51 6.48
N PHE B 90 12.67 40.91 6.10
CA PHE B 90 13.76 39.99 5.79
C PHE B 90 14.99 40.42 6.57
N ALA B 91 15.72 39.44 7.10
CA ALA B 91 16.91 39.70 7.89
C ALA B 91 18.03 38.75 7.46
N THR B 92 19.26 39.20 7.67
CA THR B 92 20.44 38.41 7.34
C THR B 92 21.52 38.69 8.37
N ALA B 93 22.25 37.64 8.76
CA ALA B 93 23.35 37.77 9.70
C ALA B 93 24.67 37.77 8.93
N ARG B 94 25.49 38.78 9.17
CA ARG B 94 26.73 38.96 8.43
C ARG B 94 27.88 39.25 9.39
N THR B 95 29.10 38.97 8.91
CA THR B 95 30.29 39.17 9.72
C THR B 95 30.69 40.64 9.84
N GLY B 96 30.15 41.50 8.98
CA GLY B 96 30.51 42.90 9.01
C GLY B 96 29.51 43.76 8.28
N GLU B 97 29.71 45.07 8.39
CA GLU B 97 28.86 46.06 7.72
C GLU B 97 29.56 46.70 6.53
N ALA B 98 30.52 46.00 5.93
CA ALA B 98 31.27 46.55 4.81
C ALA B 98 30.38 46.64 3.57
N THR B 99 30.92 47.25 2.52
CA THR B 99 30.14 47.45 1.29
C THR B 99 29.80 46.12 0.63
N LYS B 100 30.73 45.16 0.66
CA LYS B 100 30.46 43.86 0.07
C LYS B 100 29.32 43.14 0.79
N ASP B 101 29.32 43.20 2.13
CA ASP B 101 28.26 42.57 2.90
C ASP B 101 26.91 43.23 2.64
N VAL B 102 26.89 44.56 2.55
CA VAL B 102 25.65 45.26 2.27
C VAL B 102 25.14 44.92 0.87
N LEU B 103 26.05 44.79 -0.10
CA LEU B 103 25.65 44.41 -1.45
C LEU B 103 25.09 43.00 -1.49
N GLN B 104 25.72 42.07 -0.77
CA GLN B 104 25.20 40.71 -0.71
C GLN B 104 23.82 40.67 -0.06
N HIS B 105 23.64 41.46 1.01
CA HIS B 105 22.33 41.53 1.66
C HIS B 105 21.29 42.13 0.70
N LEU B 106 21.68 43.13 -0.08
CA LEU B 106 20.79 43.69 -1.08
C LEU B 106 20.36 42.63 -2.10
N ALA B 107 21.32 41.85 -2.59
CA ALA B 107 21.00 40.81 -3.56
C ALA B 107 20.06 39.77 -2.97
N GLN B 108 20.32 39.35 -1.72
CA GLN B 108 19.44 38.37 -1.10
C GLN B 108 18.06 38.94 -0.82
N SER B 109 17.97 40.22 -0.45
CA SER B 109 16.67 40.84 -0.27
C SER B 109 15.89 40.93 -1.57
N PHE B 110 16.59 41.24 -2.68
CA PHE B 110 15.94 41.23 -3.98
C PHE B 110 15.44 39.82 -4.33
N ALA B 111 16.25 38.80 -4.02
CA ALA B 111 15.80 37.43 -4.25
C ALA B 111 14.58 37.09 -3.40
N TYR B 112 14.53 37.61 -2.18
CA TYR B 112 13.42 37.28 -1.29
C TYR B 112 12.14 37.99 -1.69
N MET B 113 12.23 39.26 -2.10
CA MET B 113 11.04 40.03 -2.45
C MET B 113 10.95 40.38 -3.93
N GLY B 114 11.95 41.07 -4.48
CA GLY B 114 11.88 41.51 -5.85
C GLY B 114 12.51 42.89 -6.06
N ILE B 115 11.97 43.64 -7.01
CA ILE B 115 12.50 44.95 -7.37
C ILE B 115 11.62 46.03 -6.74
N PRO B 116 12.14 46.83 -5.82
CA PRO B 116 11.38 47.97 -5.31
C PRO B 116 11.66 49.23 -6.12
N GLN B 117 10.92 50.29 -5.79
CA GLN B 117 11.11 51.56 -6.47
C GLN B 117 12.18 52.41 -5.77
N LYS B 118 12.02 52.63 -4.46
CA LYS B 118 12.96 53.44 -3.70
C LYS B 118 13.37 52.68 -2.44
N ILE B 119 14.68 52.66 -2.18
CA ILE B 119 15.22 51.98 -1.00
C ILE B 119 15.80 53.05 -0.08
N LYS B 120 15.06 53.41 0.95
CA LYS B 120 15.57 54.33 1.94
C LYS B 120 16.59 53.64 2.84
N THR B 121 17.59 54.40 3.27
CA THR B 121 18.66 53.87 4.12
C THR B 121 19.06 54.97 5.10
N ASP B 122 20.13 54.68 5.84
CA ASP B 122 20.69 55.64 6.79
C ASP B 122 21.89 56.34 6.15
N ASN B 123 22.56 57.17 6.94
CA ASN B 123 23.73 57.92 6.47
C ASN B 123 25.04 57.17 6.71
N ALA B 124 25.00 55.85 6.84
CA ALA B 124 26.21 55.08 7.05
C ALA B 124 27.10 55.15 5.81
N PRO B 125 28.43 55.15 6.00
CA PRO B 125 29.32 55.24 4.84
C PRO B 125 29.17 54.09 3.87
N ALA B 126 28.72 52.92 4.33
CA ALA B 126 28.54 51.78 3.42
C ALA B 126 27.49 52.07 2.37
N TYR B 127 26.37 52.69 2.76
CA TYR B 127 25.34 53.02 1.79
C TYR B 127 25.79 54.13 0.84
N VAL B 128 26.43 55.16 1.38
CA VAL B 128 26.88 56.29 0.56
C VAL B 128 28.05 55.94 -0.34
N SER B 129 28.67 54.79 -0.12
CA SER B 129 29.83 54.40 -0.92
C SER B 129 29.46 54.26 -2.40
N ARG B 130 30.46 54.49 -3.25
CA ARG B 130 30.21 54.53 -4.69
C ARG B 130 29.70 53.19 -5.21
N SER B 131 30.17 52.08 -4.64
CA SER B 131 29.78 50.77 -5.12
C SER B 131 28.29 50.54 -4.96
N ILE B 132 27.76 50.81 -3.77
CA ILE B 132 26.34 50.58 -3.50
C ILE B 132 25.46 51.48 -4.36
N GLN B 133 25.83 52.76 -4.46
CA GLN B 133 25.05 53.69 -5.27
C GLN B 133 25.06 53.29 -6.74
N GLU B 134 26.23 52.89 -7.25
CA GLU B 134 26.33 52.47 -8.64
C GLU B 134 25.51 51.21 -8.88
N PHE B 135 25.55 50.26 -7.94
CA PHE B 135 24.75 49.06 -8.06
C PHE B 135 23.26 49.39 -8.10
N LEU B 136 22.81 50.27 -7.20
CA LEU B 136 21.41 50.63 -7.16
C LEU B 136 20.98 51.37 -8.42
N ALA B 137 21.83 52.24 -8.94
CA ALA B 137 21.50 52.95 -10.19
C ALA B 137 21.47 51.99 -11.36
N ARG B 138 22.33 50.97 -11.36
CA ARG B 138 22.36 50.01 -12.46
C ARG B 138 21.04 49.24 -12.55
N TRP B 139 20.49 48.83 -11.42
CA TRP B 139 19.25 48.07 -11.37
C TRP B 139 18.01 48.94 -11.47
N LYS B 140 18.16 50.21 -11.86
CA LYS B 140 17.03 51.13 -11.99
C LYS B 140 16.25 51.24 -10.68
N ILE B 141 16.98 51.29 -9.57
CA ILE B 141 16.40 51.38 -8.24
C ILE B 141 16.83 52.71 -7.63
N SER B 142 15.87 53.60 -7.40
CA SER B 142 16.17 54.88 -6.78
C SER B 142 16.59 54.69 -5.34
N HIS B 143 17.56 55.51 -4.89
CA HIS B 143 18.08 55.46 -3.54
C HIS B 143 17.84 56.81 -2.87
N VAL B 144 17.14 56.80 -1.75
CA VAL B 144 16.87 58.00 -0.97
C VAL B 144 17.67 57.89 0.32
N THR B 145 18.62 58.82 0.51
CA THR B 145 19.46 58.77 1.69
C THR B 145 18.70 59.14 2.96
N GLY B 146 17.75 60.06 2.86
CA GLY B 146 17.00 60.50 4.03
C GLY B 146 17.89 61.10 5.09
N ILE B 147 18.77 62.02 4.69
CA ILE B 147 19.74 62.61 5.59
C ILE B 147 19.07 63.40 6.72
N PRO B 148 17.82 63.92 6.59
CA PRO B 148 17.14 64.38 7.81
C PRO B 148 16.74 63.20 8.68
N TYR B 149 17.33 63.12 9.87
CA TYR B 149 17.12 61.97 10.76
C TYR B 149 15.79 62.13 11.52
N ASN B 150 14.71 62.17 10.75
CA ASN B 150 13.39 62.23 11.33
C ASN B 150 12.93 60.81 11.68
N PRO B 151 12.65 60.52 12.95
CA PRO B 151 12.29 59.14 13.33
C PRO B 151 10.89 58.74 12.92
N GLN B 152 10.65 58.58 11.62
CA GLN B 152 9.43 57.94 11.14
C GLN B 152 9.77 56.64 10.45
N GLY B 153 10.59 56.72 9.39
CA GLY B 153 11.16 55.51 8.83
C GLY B 153 12.12 54.84 9.80
N GLN B 154 12.90 55.64 10.52
CA GLN B 154 13.74 55.09 11.57
C GLN B 154 12.90 54.45 12.66
N ALA B 155 11.76 55.06 13.00
CA ALA B 155 10.88 54.48 13.99
C ALA B 155 10.33 53.13 13.53
N ILE B 156 9.91 53.04 12.27
CA ILE B 156 9.33 51.78 11.79
C ILE B 156 10.41 50.70 11.69
N VAL B 157 11.62 51.07 11.27
CA VAL B 157 12.68 50.08 11.17
C VAL B 157 13.14 49.63 12.56
N GLU B 158 13.10 50.54 13.54
CA GLU B 158 13.39 50.15 14.91
C GLU B 158 12.30 49.24 15.46
N ARG B 159 11.04 49.50 15.08
CA ARG B 159 9.95 48.61 15.46
C ARG B 159 10.18 47.20 14.90
N THR B 160 10.61 47.12 13.64
CA THR B 160 10.90 45.81 13.06
C THR B 160 12.09 45.15 13.73
N HIS B 161 13.11 45.94 14.10
CA HIS B 161 14.24 45.39 14.83
C HIS B 161 13.80 44.81 16.16
N GLN B 162 12.92 45.52 16.87
CA GLN B 162 12.40 45.01 18.13
C GLN B 162 11.59 43.74 17.92
N ASN B 163 10.80 43.69 16.84
CA ASN B 163 10.05 42.48 16.55
C ASN B 163 10.97 41.29 16.27
N ILE B 164 12.05 41.52 15.51
CA ILE B 164 13.01 40.46 15.25
C ILE B 164 13.66 39.98 16.54
N LYS B 165 14.08 40.91 17.39
CA LYS B 165 14.71 40.52 18.65
C LYS B 165 13.74 39.75 19.55
N ALA B 166 12.50 40.19 19.62
CA ALA B 166 11.50 39.48 20.42
C ALA B 166 11.25 38.08 19.87
N GLN B 167 11.18 37.95 18.54
CA GLN B 167 10.99 36.63 17.96
C GLN B 167 12.17 35.71 18.23
N LEU B 168 13.39 36.25 18.16
CA LEU B 168 14.58 35.46 18.47
C LEU B 168 14.55 35.00 19.93
N ASN B 169 14.19 35.91 20.84
CA ASN B 169 14.08 35.53 22.24
C ASN B 169 13.02 34.47 22.47
N LYS B 170 11.89 34.59 21.77
CA LYS B 170 10.82 33.60 21.89
C LYS B 170 11.29 32.23 21.38
N LEU B 171 11.98 32.20 20.25
CA LEU B 171 12.41 30.94 19.66
C LEU B 171 13.65 30.37 20.35
N GLN B 172 14.33 31.13 21.19
CA GLN B 172 15.48 30.60 21.91
C GLN B 172 15.11 29.57 22.98
N LYS B 173 13.86 29.13 23.13
CA LYS B 173 13.54 28.10 24.11
C LYS B 173 14.23 26.78 23.77
N ALA B 174 14.17 26.39 22.50
CA ALA B 174 14.75 25.12 22.04
C ALA B 174 16.16 25.40 21.55
N GLY B 175 17.14 25.18 22.43
CA GLY B 175 18.53 25.38 22.07
C GLY B 175 19.07 24.31 21.15
N LYS B 176 18.39 24.10 20.02
CA LYS B 176 18.80 23.11 19.03
C LYS B 176 19.19 23.74 17.70
N TYR B 177 19.30 25.06 17.63
CA TYR B 177 19.60 25.74 16.37
C TYR B 177 21.09 25.61 16.07
N TYR B 178 21.41 24.96 14.95
CA TYR B 178 22.80 24.63 14.64
C TYR B 178 23.63 25.87 14.39
N THR B 179 23.10 26.81 13.63
CA THR B 179 23.78 28.06 13.28
C THR B 179 22.82 29.22 13.46
N PRO B 180 23.35 30.43 13.67
CA PRO B 180 22.47 31.61 13.74
C PRO B 180 21.63 31.81 12.49
N HIS B 181 22.12 31.39 11.32
CA HIS B 181 21.34 31.50 10.10
C HIS B 181 20.05 30.68 10.20
N HIS B 182 20.15 29.48 10.77
CA HIS B 182 18.97 28.64 10.93
C HIS B 182 17.93 29.30 11.83
N LEU B 183 18.39 29.85 12.97
CA LEU B 183 17.47 30.51 13.89
C LEU B 183 16.84 31.74 13.26
N LEU B 184 17.64 32.53 12.54
CA LEU B 184 17.10 33.72 11.89
C LEU B 184 16.10 33.35 10.81
N ALA B 185 16.37 32.28 10.06
CA ALA B 185 15.42 31.81 9.05
C ALA B 185 14.13 31.36 9.70
N HIS B 186 14.22 30.65 10.82
CA HIS B 186 13.01 30.23 11.53
C HIS B 186 12.20 31.43 12.00
N ALA B 187 12.87 32.44 12.58
CA ALA B 187 12.17 33.62 13.05
C ALA B 187 11.51 34.37 11.91
N LEU B 188 12.22 34.53 10.78
CA LEU B 188 11.65 35.21 9.63
C LEU B 188 10.45 34.44 9.09
N PHE B 189 10.56 33.11 9.01
CA PHE B 189 9.44 32.30 8.58
C PHE B 189 8.23 32.52 9.46
N VAL B 190 8.41 32.47 10.78
CA VAL B 190 7.28 32.69 11.69
C VAL B 190 6.67 34.06 11.45
N LEU B 191 7.49 35.11 11.46
CA LEU B 191 6.98 36.47 11.37
C LEU B 191 6.25 36.72 10.06
N ASN B 192 6.77 36.19 8.96
CA ASN B 192 6.17 36.43 7.64
C ASN B 192 4.96 35.52 7.39
N HIS B 193 5.16 34.21 7.40
CA HIS B 193 4.13 33.29 6.93
C HIS B 193 3.25 32.74 8.05
N VAL B 194 3.42 33.19 9.30
CA VAL B 194 2.59 32.65 10.38
C VAL B 194 1.81 33.77 11.04
N ASN B 195 2.51 34.78 11.57
CA ASN B 195 1.88 35.89 12.26
C ASN B 195 0.91 36.63 11.33
N MET B 196 -0.37 36.61 11.68
CA MET B 196 -1.40 37.26 10.89
C MET B 196 -1.86 38.55 11.55
N ASP B 197 -2.41 39.45 10.74
CA ASP B 197 -2.94 40.71 11.24
C ASP B 197 -4.31 40.49 11.85
N ASN B 198 -4.99 41.58 12.21
CA ASN B 198 -6.33 41.45 12.78
C ASN B 198 -7.35 41.04 11.73
N GLN B 199 -7.13 41.41 10.47
CA GLN B 199 -8.07 41.08 9.40
C GLN B 199 -7.91 39.66 8.89
N GLY B 200 -6.81 38.98 9.22
CA GLY B 200 -6.62 37.61 8.80
C GLY B 200 -5.80 37.46 7.54
N HIS B 201 -4.65 38.13 7.49
CA HIS B 201 -3.75 38.01 6.34
C HIS B 201 -2.31 37.96 6.83
N THR B 202 -1.55 36.99 6.33
CA THR B 202 -0.14 36.90 6.67
C THR B 202 0.64 37.98 5.94
N ALA B 203 1.92 38.11 6.30
CA ALA B 203 2.76 39.12 5.69
C ALA B 203 2.93 38.89 4.18
N ALA B 204 3.08 37.63 3.78
CA ALA B 204 3.24 37.31 2.36
C ALA B 204 2.00 37.69 1.57
N GLU B 205 0.81 37.43 2.13
CA GLU B 205 -0.42 37.76 1.42
C GLU B 205 -0.55 39.25 1.17
N ARG B 206 -0.25 40.08 2.18
CA ARG B 206 -0.27 41.51 1.97
C ARG B 206 0.82 41.96 1.00
N HIS B 207 1.98 41.30 1.07
CA HIS B 207 3.13 41.75 0.27
C HIS B 207 2.94 41.45 -1.21
N TRP B 208 2.31 40.33 -1.54
CA TRP B 208 2.23 39.90 -2.93
C TRP B 208 0.90 40.25 -3.58
N GLY B 209 0.03 40.98 -2.89
CA GLY B 209 -1.12 41.61 -3.49
C GLY B 209 -2.12 40.74 -4.23
N PRO B 210 -2.56 39.61 -3.65
CA PRO B 210 -3.81 39.00 -4.14
C PRO B 210 -5.05 39.60 -3.50
N ILE B 211 -4.89 40.45 -2.50
CA ILE B 211 -6.03 41.06 -1.79
C ILE B 211 -6.36 42.35 -2.52
N SER B 212 -7.14 42.23 -3.57
CA SER B 212 -7.66 43.38 -4.31
C SER B 212 -9.17 43.33 -4.49
N ALA B 213 -9.73 42.13 -4.65
CA ALA B 213 -11.17 41.93 -4.84
C ALA B 213 -11.43 40.45 -4.62
N ASP B 214 -12.65 40.02 -4.94
CA ASP B 214 -13.05 38.61 -4.85
C ASP B 214 -13.59 38.18 -6.21
N PRO B 215 -12.72 37.92 -7.17
CA PRO B 215 -13.16 37.56 -8.52
C PRO B 215 -13.55 36.10 -8.69
N LYS B 216 -13.62 35.32 -7.61
CA LYS B 216 -13.96 33.91 -7.72
C LYS B 216 -15.15 33.58 -6.82
N PRO B 217 -15.98 32.61 -7.22
CA PRO B 217 -17.11 32.22 -6.36
C PRO B 217 -16.63 31.45 -5.14
N MET B 218 -16.80 32.06 -3.97
CA MET B 218 -16.39 31.48 -2.70
C MET B 218 -17.64 31.11 -1.91
N VAL B 219 -17.80 29.83 -1.61
CA VAL B 219 -19.08 29.27 -1.18
C VAL B 219 -18.91 28.56 0.16
N MET B 220 -19.93 28.66 1.00
CA MET B 220 -19.95 27.93 2.26
C MET B 220 -20.14 26.44 2.01
N TRP B 221 -19.56 25.62 2.87
CA TRP B 221 -19.52 24.17 2.68
C TRP B 221 -19.95 23.49 3.98
N LYS B 222 -20.64 22.35 3.84
CA LYS B 222 -21.03 21.51 4.96
C LYS B 222 -20.27 20.19 4.90
N ASP B 223 -19.62 19.84 6.00
CA ASP B 223 -18.87 18.59 6.07
C ASP B 223 -19.77 17.45 6.54
N LEU B 224 -19.42 16.24 6.11
CA LEU B 224 -20.16 15.03 6.47
C LEU B 224 -19.51 14.23 7.58
N LEU B 225 -18.19 14.28 7.70
CA LEU B 225 -17.50 13.51 8.74
C LEU B 225 -17.89 14.00 10.13
N THR B 226 -17.99 15.31 10.31
CA THR B 226 -18.39 15.88 11.59
C THR B 226 -19.83 16.37 11.60
N GLY B 227 -20.46 16.51 10.45
CA GLY B 227 -21.82 17.02 10.39
C GLY B 227 -21.96 18.48 10.72
N SER B 228 -20.88 19.26 10.59
CA SER B 228 -20.88 20.67 10.91
C SER B 228 -20.51 21.48 9.68
N TRP B 229 -21.12 22.65 9.53
CA TRP B 229 -20.84 23.54 8.41
C TRP B 229 -19.44 24.11 8.56
N LYS B 230 -18.49 23.60 7.78
CA LYS B 230 -17.10 24.04 7.82
C LYS B 230 -16.79 24.84 6.57
N GLY B 231 -16.31 26.06 6.75
CA GLY B 231 -15.98 26.92 5.65
C GLY B 231 -15.95 28.38 6.06
N PRO B 232 -16.22 29.28 5.11
CA PRO B 232 -16.51 28.97 3.70
C PRO B 232 -15.24 28.74 2.89
N ASP B 233 -15.36 28.12 1.71
CA ASP B 233 -14.21 27.75 0.90
C ASP B 233 -14.45 28.12 -0.56
N VAL B 234 -13.40 27.96 -1.37
CA VAL B 234 -13.44 28.30 -2.78
C VAL B 234 -14.09 27.17 -3.58
N LEU B 235 -14.92 27.54 -4.56
CA LEU B 235 -15.59 26.58 -5.42
C LEU B 235 -14.80 26.40 -6.70
N ILE B 236 -14.54 25.14 -7.08
CA ILE B 236 -13.79 24.84 -8.29
C ILE B 236 -14.76 24.68 -9.46
N THR B 237 -15.70 23.76 -9.34
CA THR B 237 -16.68 23.50 -10.39
C THR B 237 -17.89 22.84 -9.77
N ALA B 238 -18.91 22.59 -10.60
CA ALA B 238 -20.15 21.98 -10.13
C ALA B 238 -20.83 21.29 -11.31
N GLY B 239 -21.77 20.41 -10.98
CA GLY B 239 -22.53 19.71 -12.00
C GLY B 239 -23.10 18.39 -11.54
N ARG B 240 -24.25 18.01 -12.12
CA ARG B 240 -24.92 16.75 -11.82
C ARG B 240 -25.21 16.59 -10.33
N GLY B 241 -25.63 17.69 -9.70
CA GLY B 241 -25.98 17.65 -8.30
C GLY B 241 -24.82 17.69 -7.34
N TYR B 242 -23.59 17.73 -7.83
CA TYR B 242 -22.40 17.72 -7.00
C TYR B 242 -21.61 19.00 -7.20
N ALA B 243 -20.95 19.45 -6.14
CA ALA B 243 -20.10 20.62 -6.17
C ALA B 243 -18.69 20.24 -5.73
N CYS B 244 -17.70 20.80 -6.40
CA CYS B 244 -16.29 20.51 -6.15
C CYS B 244 -15.72 21.69 -5.35
N VAL B 245 -15.82 21.61 -4.04
CA VAL B 245 -15.29 22.63 -3.15
C VAL B 245 -13.85 22.24 -2.78
N PHE B 246 -13.01 23.24 -2.60
CA PHE B 246 -11.59 23.03 -2.29
C PHE B 246 -11.27 23.63 -0.93
N PRO B 247 -11.25 22.83 0.14
CA PRO B 247 -10.93 23.37 1.46
C PRO B 247 -9.49 23.87 1.51
N GLN B 248 -9.28 24.88 2.36
CA GLN B 248 -7.96 25.49 2.48
C GLN B 248 -6.93 24.48 3.01
N ASP B 249 -7.30 23.70 4.02
CA ASP B 249 -6.39 22.78 4.66
C ASP B 249 -6.35 21.40 4.02
N ALA B 250 -7.22 21.13 3.05
CA ALA B 250 -7.31 19.80 2.48
C ALA B 250 -6.22 19.58 1.43
N GLU B 251 -5.86 18.30 1.25
CA GLU B 251 -4.92 17.90 0.23
C GLU B 251 -5.52 17.94 -1.17
N SER B 252 -6.76 17.52 -1.32
CA SER B 252 -7.40 17.32 -2.61
C SER B 252 -8.82 17.89 -2.55
N PRO B 253 -9.41 18.21 -3.71
CA PRO B 253 -10.79 18.69 -3.72
C PRO B 253 -11.75 17.63 -3.17
N ILE B 254 -12.83 18.10 -2.55
CA ILE B 254 -13.83 17.24 -1.94
C ILE B 254 -15.15 17.43 -2.69
N TRP B 255 -15.71 16.34 -3.19
CA TRP B 255 -17.00 16.39 -3.86
C TRP B 255 -18.10 16.51 -2.81
N VAL B 256 -19.00 17.48 -3.00
CA VAL B 256 -20.03 17.76 -2.03
C VAL B 256 -21.38 17.87 -2.73
N PRO B 257 -22.42 17.18 -2.25
CA PRO B 257 -23.74 17.32 -2.88
C PRO B 257 -24.29 18.72 -2.72
N ASP B 258 -25.08 19.15 -3.70
CA ASP B 258 -25.65 20.50 -3.68
C ASP B 258 -26.65 20.68 -2.55
N ARG B 259 -27.16 19.59 -1.98
CA ARG B 259 -28.04 19.71 -0.82
C ARG B 259 -27.29 20.24 0.40
N PHE B 260 -25.98 20.03 0.44
CA PHE B 260 -25.13 20.47 1.55
C PHE B 260 -24.30 21.68 1.18
N ILE B 261 -24.68 22.41 0.13
CA ILE B 261 -23.95 23.59 -0.34
C ILE B 261 -24.83 24.81 -0.13
N ARG B 262 -24.27 25.82 0.55
CA ARG B 262 -24.96 27.07 0.81
C ARG B 262 -24.16 28.22 0.23
N PRO B 263 -24.71 28.99 -0.72
CA PRO B 263 -23.96 30.12 -1.26
C PRO B 263 -23.63 31.14 -0.18
N PHE B 264 -22.43 31.72 -0.28
CA PHE B 264 -21.95 32.68 0.70
C PHE B 264 -21.50 33.95 -0.01
N THR B 265 -21.80 35.09 0.60
CA THR B 265 -21.44 36.39 0.01
C THR B 265 -20.29 37.01 0.79
N ALA C 1 -33.37 -28.19 -11.87
CA ALA C 1 -32.25 -28.07 -10.94
C ALA C 1 -32.63 -28.59 -9.56
N LEU C 2 -33.92 -28.49 -9.22
CA LEU C 2 -34.38 -28.97 -7.92
C LEU C 2 -34.24 -30.48 -7.81
N GLU C 3 -34.23 -31.19 -8.94
CA GLU C 3 -33.95 -32.62 -8.91
C GLU C 3 -32.53 -32.89 -8.38
N SER C 4 -31.57 -32.07 -8.80
CA SER C 4 -30.23 -32.17 -8.23
C SER C 4 -30.24 -31.91 -6.74
N ALA C 5 -31.06 -30.97 -6.27
CA ALA C 5 -31.14 -30.69 -4.85
C ALA C 5 -31.71 -31.89 -4.07
N GLN C 6 -32.77 -32.52 -4.59
CA GLN C 6 -33.36 -33.64 -3.88
C GLN C 6 -32.40 -34.83 -3.86
N GLU C 7 -31.71 -35.08 -4.98
CA GLU C 7 -30.69 -36.13 -4.98
C GLU C 7 -29.55 -35.82 -4.02
N SER C 8 -29.10 -34.56 -3.98
CA SER C 8 -28.02 -34.19 -3.08
C SER C 8 -28.42 -34.37 -1.63
N HIS C 9 -29.68 -34.05 -1.28
CA HIS C 9 -30.13 -34.36 0.06
C HIS C 9 -30.21 -35.85 0.30
N ALA C 10 -30.67 -36.62 -0.69
CA ALA C 10 -30.67 -38.07 -0.53
C ALA C 10 -29.28 -38.62 -0.25
N LEU C 11 -28.25 -37.94 -0.75
CA LEU C 11 -26.88 -38.35 -0.47
C LEU C 11 -26.37 -37.86 0.89
N HIS C 12 -26.54 -36.57 1.18
CA HIS C 12 -25.88 -35.93 2.31
C HIS C 12 -26.77 -35.67 3.52
N HIS C 13 -28.02 -35.28 3.30
CA HIS C 13 -28.98 -34.98 4.36
C HIS C 13 -28.57 -33.71 5.13
N GLN C 14 -28.19 -32.69 4.35
CA GLN C 14 -27.79 -31.40 4.91
C GLN C 14 -29.02 -30.55 5.22
N ASN C 15 -28.78 -29.27 5.51
CA ASN C 15 -29.85 -28.39 5.89
C ASN C 15 -30.36 -27.56 4.71
N ALA C 16 -31.50 -26.91 4.93
CA ALA C 16 -32.14 -26.11 3.89
C ALA C 16 -31.26 -24.96 3.44
N ALA C 17 -30.47 -24.38 4.34
CA ALA C 17 -29.57 -23.30 3.95
C ALA C 17 -28.53 -23.79 2.96
N ALA C 18 -27.90 -24.92 3.25
CA ALA C 18 -26.94 -25.49 2.31
C ALA C 18 -27.61 -25.80 0.99
N LEU C 19 -28.79 -26.41 1.03
CA LEU C 19 -29.50 -26.72 -0.21
C LEU C 19 -29.75 -25.47 -1.05
N ARG C 20 -30.27 -24.40 -0.43
CA ARG C 20 -30.63 -23.22 -1.19
C ARG C 20 -29.40 -22.50 -1.73
N PHE C 21 -28.36 -22.34 -0.92
CA PHE C 21 -27.19 -21.61 -1.40
C PHE C 21 -26.36 -22.45 -2.37
N GLN C 22 -26.58 -23.77 -2.41
CA GLN C 22 -25.83 -24.58 -3.37
C GLN C 22 -26.58 -24.74 -4.69
N PHE C 23 -27.91 -24.78 -4.66
CA PHE C 23 -28.67 -25.10 -5.86
C PHE C 23 -29.65 -24.03 -6.29
N HIS C 24 -29.63 -22.85 -5.67
CA HIS C 24 -30.46 -21.72 -6.05
C HIS C 24 -31.95 -22.11 -6.07
N ILE C 25 -32.44 -22.47 -4.88
CA ILE C 25 -33.84 -22.81 -4.69
C ILE C 25 -34.39 -21.99 -3.53
N THR C 26 -35.71 -21.93 -3.47
CA THR C 26 -36.40 -21.09 -2.49
C THR C 26 -36.20 -21.65 -1.08
N ARG C 27 -36.28 -20.74 -0.09
CA ARG C 27 -36.29 -21.16 1.30
C ARG C 27 -37.41 -22.16 1.58
N GLU C 28 -38.62 -21.83 1.11
CA GLU C 28 -39.74 -22.75 1.29
C GLU C 28 -39.52 -24.07 0.58
N GLN C 29 -38.95 -24.02 -0.63
CA GLN C 29 -38.66 -25.25 -1.36
C GLN C 29 -37.68 -26.13 -0.60
N ALA C 30 -36.59 -25.55 -0.10
CA ALA C 30 -35.60 -26.32 0.63
C ALA C 30 -36.16 -26.87 1.93
N ARG C 31 -36.95 -26.07 2.65
CA ARG C 31 -37.57 -26.55 3.88
C ARG C 31 -38.55 -27.69 3.59
N GLU C 32 -39.30 -27.58 2.51
CA GLU C 32 -40.20 -28.66 2.11
C GLU C 32 -39.43 -29.92 1.78
N ILE C 33 -38.29 -29.78 1.09
CA ILE C 33 -37.47 -30.95 0.79
C ILE C 33 -36.97 -31.59 2.09
N VAL C 34 -36.51 -30.77 3.04
CA VAL C 34 -36.03 -31.30 4.31
C VAL C 34 -37.13 -32.05 5.04
N LYS C 35 -38.33 -31.47 5.10
CA LYS C 35 -39.45 -32.14 5.77
C LYS C 35 -39.83 -33.43 5.05
N LEU C 36 -39.88 -33.39 3.72
CA LEU C 36 -40.24 -34.58 2.94
C LEU C 36 -39.19 -35.67 3.05
N CYS C 37 -37.96 -35.32 3.38
CA CYS C 37 -36.92 -36.34 3.54
C CYS C 37 -37.26 -37.22 4.73
N PRO C 38 -37.32 -38.55 4.56
CA PRO C 38 -37.68 -39.43 5.68
C PRO C 38 -36.71 -39.38 6.84
N ASN C 39 -35.45 -39.01 6.62
CA ASN C 39 -34.44 -39.06 7.65
C ASN C 39 -34.06 -37.68 8.19
N CYS C 40 -34.91 -36.67 7.99
CA CYS C 40 -34.67 -35.33 8.50
C CYS C 40 -35.82 -34.94 9.42
N PRO C 41 -35.75 -35.31 10.71
CA PRO C 41 -36.78 -35.01 11.70
C PRO C 41 -36.51 -33.72 12.46
N VAL C 51 -24.85 -18.53 27.78
CA VAL C 51 -24.03 -19.33 26.88
C VAL C 51 -22.61 -19.45 27.43
N ASN C 52 -21.90 -20.48 27.00
CA ASN C 52 -20.54 -20.70 27.44
C ASN C 52 -19.61 -19.64 26.88
N PRO C 53 -18.55 -19.29 27.61
CA PRO C 53 -17.58 -18.31 27.08
C PRO C 53 -16.85 -18.84 25.86
N ARG C 54 -17.09 -18.23 24.71
CA ARG C 54 -16.50 -18.64 23.44
C ARG C 54 -15.54 -17.58 22.93
N GLY C 55 -14.62 -18.01 22.09
CA GLY C 55 -13.63 -17.10 21.53
C GLY C 55 -14.26 -16.09 20.59
N LEU C 56 -13.64 -14.92 20.50
CA LEU C 56 -14.12 -13.88 19.59
C LEU C 56 -13.55 -14.02 18.19
N LYS C 57 -12.60 -14.92 17.99
CA LYS C 57 -12.00 -15.16 16.69
C LYS C 57 -11.47 -16.58 16.67
N PRO C 58 -11.31 -17.19 15.50
CA PRO C 58 -11.03 -18.63 15.44
C PRO C 58 -9.68 -18.99 16.04
N ARG C 59 -9.55 -20.28 16.35
CA ARG C 59 -8.30 -20.88 16.85
C ARG C 59 -7.81 -20.19 18.13
N VAL C 60 -8.74 -19.74 18.96
CA VAL C 60 -8.39 -19.15 20.26
C VAL C 60 -8.79 -20.08 21.41
N LEU C 61 -10.01 -20.58 21.40
CA LEU C 61 -10.50 -21.45 22.46
C LEU C 61 -11.17 -22.68 21.82
N TRP C 62 -10.79 -23.85 22.28
CA TRP C 62 -11.40 -25.11 21.86
C TRP C 62 -11.99 -25.84 23.05
N GLN C 63 -13.01 -26.65 22.78
CA GLN C 63 -13.58 -27.56 23.75
C GLN C 63 -13.53 -28.98 23.18
N MET C 64 -13.02 -29.91 23.98
CA MET C 64 -12.78 -31.26 23.52
C MET C 64 -13.32 -32.24 24.54
N ASP C 65 -14.15 -33.17 24.10
CA ASP C 65 -14.79 -34.13 24.99
C ASP C 65 -15.21 -35.35 24.19
N VAL C 66 -15.39 -36.45 24.90
CA VAL C 66 -15.72 -37.73 24.29
C VAL C 66 -17.19 -38.05 24.52
N THR C 67 -17.85 -38.54 23.49
CA THR C 67 -19.18 -39.11 23.60
C THR C 67 -19.13 -40.55 23.15
N HIS C 68 -20.21 -41.29 23.42
CA HIS C 68 -20.27 -42.71 23.13
C HIS C 68 -21.30 -42.98 22.03
N VAL C 69 -20.85 -43.59 20.95
CA VAL C 69 -21.73 -44.06 19.87
C VAL C 69 -21.67 -45.57 19.90
N SER C 70 -22.58 -46.20 20.65
CA SER C 70 -22.48 -47.62 20.93
C SER C 70 -22.60 -48.48 19.69
N GLU C 71 -23.24 -48.00 18.62
CA GLU C 71 -23.35 -48.78 17.41
C GLU C 71 -22.06 -48.80 16.60
N PHE C 72 -21.06 -48.00 16.98
CA PHE C 72 -19.72 -48.15 16.44
C PHE C 72 -18.99 -49.36 17.01
N GLY C 73 -19.57 -50.03 18.01
CA GLY C 73 -18.95 -51.20 18.60
C GLY C 73 -17.69 -50.91 19.36
N LYS C 74 -16.57 -51.46 18.89
CA LYS C 74 -15.29 -51.26 19.57
C LYS C 74 -14.81 -49.82 19.47
N LEU C 75 -15.38 -49.04 18.55
CA LEU C 75 -14.97 -47.66 18.34
C LEU C 75 -16.02 -46.68 18.84
N LYS C 76 -16.76 -47.03 19.89
CA LYS C 76 -17.77 -46.13 20.43
C LYS C 76 -17.18 -44.91 21.09
N TYR C 77 -15.90 -44.95 21.47
CA TYR C 77 -15.25 -43.86 22.18
C TYR C 77 -14.86 -42.80 21.16
N VAL C 78 -15.80 -41.92 20.86
CA VAL C 78 -15.63 -40.89 19.83
C VAL C 78 -15.18 -39.60 20.52
N HIS C 79 -13.92 -39.26 20.36
CA HIS C 79 -13.42 -37.98 20.83
C HIS C 79 -13.83 -36.88 19.85
N VAL C 80 -14.29 -35.76 20.37
CA VAL C 80 -14.83 -34.67 19.55
C VAL C 80 -14.07 -33.39 19.87
N THR C 81 -13.58 -32.72 18.84
CA THR C 81 -12.90 -31.45 18.96
C THR C 81 -13.63 -30.42 18.12
N VAL C 82 -13.98 -29.29 18.73
CA VAL C 82 -14.71 -28.23 18.03
C VAL C 82 -14.18 -26.89 18.49
N ASP C 83 -14.00 -25.98 17.54
CA ASP C 83 -13.63 -24.62 17.87
C ASP C 83 -14.85 -23.87 18.39
N THR C 84 -14.70 -23.22 19.54
CA THR C 84 -15.82 -22.55 20.18
C THR C 84 -16.35 -21.37 19.38
N TYR C 85 -15.50 -20.73 18.58
CA TYR C 85 -15.91 -19.56 17.80
C TYR C 85 -16.56 -19.96 16.48
N SER C 86 -15.88 -20.82 15.72
CA SER C 86 -16.34 -21.15 14.37
C SER C 86 -17.27 -22.34 14.31
N HIS C 87 -17.45 -23.07 15.43
CA HIS C 87 -18.22 -24.31 15.46
C HIS C 87 -17.68 -25.35 14.48
N PHE C 88 -16.46 -25.13 13.98
CA PHE C 88 -15.82 -26.08 13.08
C PHE C 88 -15.44 -27.33 13.87
N THR C 89 -15.91 -28.49 13.40
CA THR C 89 -15.95 -29.69 14.22
C THR C 89 -15.10 -30.80 13.61
N PHE C 90 -14.29 -31.43 14.44
CA PHE C 90 -13.55 -32.63 14.06
C PHE C 90 -13.71 -33.69 15.13
N ALA C 91 -13.74 -34.95 14.70
CA ALA C 91 -13.90 -36.08 15.59
C ALA C 91 -13.25 -37.31 14.98
N THR C 92 -13.03 -38.32 15.81
CA THR C 92 -12.47 -39.59 15.36
C THR C 92 -13.14 -40.74 16.10
N ALA C 93 -13.24 -41.88 15.42
CA ALA C 93 -13.72 -43.11 16.03
C ALA C 93 -12.54 -43.82 16.67
N ARG C 94 -12.53 -43.88 18.00
CA ARG C 94 -11.34 -44.27 18.74
C ARG C 94 -11.70 -45.33 19.78
N THR C 95 -10.67 -45.99 20.30
CA THR C 95 -10.87 -47.18 21.12
C THR C 95 -10.99 -46.88 22.61
N GLY C 96 -10.79 -45.64 23.04
CA GLY C 96 -10.88 -45.35 24.46
C GLY C 96 -10.51 -43.93 24.79
N GLU C 97 -10.41 -43.67 26.10
CA GLU C 97 -9.95 -42.40 26.62
C GLU C 97 -8.61 -42.53 27.33
N ALA C 98 -7.73 -43.39 26.82
CA ALA C 98 -6.40 -43.51 27.38
C ALA C 98 -5.57 -42.28 27.00
N THR C 99 -4.45 -42.09 27.70
CA THR C 99 -3.60 -40.95 27.40
C THR C 99 -3.04 -41.03 25.99
N LYS C 100 -2.59 -42.21 25.56
CA LYS C 100 -2.09 -42.38 24.21
C LYS C 100 -3.17 -42.08 23.17
N ASP C 101 -4.39 -42.56 23.41
CA ASP C 101 -5.47 -42.35 22.45
C ASP C 101 -5.85 -40.87 22.40
N VAL C 102 -5.86 -40.20 23.55
CA VAL C 102 -6.16 -38.76 23.56
C VAL C 102 -5.08 -37.98 22.84
N LEU C 103 -3.82 -38.40 22.98
CA LEU C 103 -2.73 -37.75 22.25
C LEU C 103 -2.89 -37.96 20.74
N GLN C 104 -3.28 -39.18 20.33
CA GLN C 104 -3.54 -39.42 18.91
C GLN C 104 -4.65 -38.52 18.41
N HIS C 105 -5.74 -38.39 19.17
CA HIS C 105 -6.83 -37.51 18.77
C HIS C 105 -6.37 -36.07 18.70
N LEU C 106 -5.55 -35.63 19.65
CA LEU C 106 -5.03 -34.27 19.64
C LEU C 106 -4.20 -34.02 18.39
N ALA C 107 -3.32 -34.95 18.04
CA ALA C 107 -2.51 -34.80 16.85
C ALA C 107 -3.36 -34.76 15.59
N GLN C 108 -4.37 -35.63 15.51
CA GLN C 108 -5.23 -35.64 14.35
C GLN C 108 -6.02 -34.34 14.22
N SER C 109 -6.54 -33.83 15.35
CA SER C 109 -7.27 -32.57 15.34
C SER C 109 -6.35 -31.42 14.96
N PHE C 110 -5.11 -31.44 15.44
CA PHE C 110 -4.15 -30.41 15.04
C PHE C 110 -3.91 -30.46 13.53
N ALA C 111 -3.75 -31.66 12.98
CA ALA C 111 -3.61 -31.78 11.54
C ALA C 111 -4.83 -31.25 10.81
N TYR C 112 -6.01 -31.43 11.41
CA TYR C 112 -7.26 -31.05 10.74
C TYR C 112 -7.52 -29.55 10.80
N MET C 113 -7.11 -28.87 11.88
CA MET C 113 -7.53 -27.50 12.13
C MET C 113 -6.41 -26.50 12.36
N GLY C 114 -5.24 -26.92 12.82
CA GLY C 114 -4.19 -25.99 13.20
C GLY C 114 -3.94 -25.98 14.68
N ILE C 115 -3.50 -24.83 15.17
CA ILE C 115 -3.12 -24.65 16.57
C ILE C 115 -4.14 -23.72 17.23
N PRO C 116 -4.79 -24.16 18.30
CA PRO C 116 -5.59 -23.23 19.12
C PRO C 116 -4.74 -22.64 20.24
N GLN C 117 -5.25 -21.56 20.82
CA GLN C 117 -4.55 -20.93 21.94
C GLN C 117 -4.88 -21.63 23.26
N LYS C 118 -6.13 -22.05 23.44
CA LYS C 118 -6.57 -22.67 24.68
C LYS C 118 -7.46 -23.87 24.37
N ILE C 119 -7.46 -24.83 25.29
CA ILE C 119 -8.30 -26.03 25.19
C ILE C 119 -9.07 -26.18 26.49
N LYS C 120 -10.38 -26.42 26.37
CA LYS C 120 -11.24 -26.64 27.52
C LYS C 120 -11.72 -28.08 27.53
N THR C 121 -11.45 -28.79 28.62
CA THR C 121 -11.92 -30.14 28.82
C THR C 121 -12.50 -30.27 30.23
N ASP C 122 -13.20 -31.38 30.47
CA ASP C 122 -13.70 -31.66 31.81
C ASP C 122 -12.59 -32.26 32.65
N ASN C 123 -12.94 -32.77 33.84
CA ASN C 123 -11.95 -33.30 34.77
C ASN C 123 -11.85 -34.82 34.60
N ALA C 124 -11.73 -35.27 33.35
CA ALA C 124 -11.47 -36.68 33.10
C ALA C 124 -10.05 -37.03 33.58
N PRO C 125 -9.85 -38.26 34.04
CA PRO C 125 -8.49 -38.64 34.48
C PRO C 125 -7.45 -38.54 33.39
N ALA C 126 -7.84 -38.78 32.13
CA ALA C 126 -6.90 -38.64 31.03
C ALA C 126 -6.54 -37.18 30.79
N TYR C 127 -7.55 -36.31 30.73
CA TYR C 127 -7.30 -34.91 30.35
C TYR C 127 -6.39 -34.22 31.35
N VAL C 128 -6.38 -34.68 32.60
CA VAL C 128 -5.51 -34.10 33.62
C VAL C 128 -4.16 -34.79 33.70
N SER C 129 -3.85 -35.69 32.77
CA SER C 129 -2.61 -36.46 32.87
C SER C 129 -1.40 -35.60 32.60
N ARG C 130 -0.29 -35.97 33.26
CA ARG C 130 0.96 -35.24 33.11
C ARG C 130 1.49 -35.32 31.68
N SER C 131 1.29 -36.45 31.00
CA SER C 131 1.74 -36.58 29.62
C SER C 131 1.03 -35.58 28.71
N ILE C 132 -0.28 -35.45 28.85
CA ILE C 132 -1.01 -34.49 28.03
C ILE C 132 -0.63 -33.07 28.42
N GLN C 133 -0.44 -32.81 29.72
CA GLN C 133 -0.04 -31.48 30.16
C GLN C 133 1.30 -31.08 29.53
N GLU C 134 2.30 -31.97 29.57
CA GLU C 134 3.59 -31.65 28.97
C GLU C 134 3.52 -31.59 27.46
N PHE C 135 2.68 -32.41 26.82
CA PHE C 135 2.49 -32.30 25.38
C PHE C 135 1.99 -30.91 25.01
N LEU C 136 0.95 -30.45 25.70
CA LEU C 136 0.41 -29.12 25.43
C LEU C 136 1.42 -28.02 25.76
N ALA C 137 2.19 -28.20 26.83
CA ALA C 137 3.22 -27.21 27.18
C ALA C 137 4.27 -27.11 26.09
N ARG C 138 4.71 -28.25 25.55
CA ARG C 138 5.66 -28.23 24.45
C ARG C 138 5.06 -27.57 23.21
N TRP C 139 3.80 -27.88 22.92
CA TRP C 139 3.12 -27.28 21.78
C TRP C 139 2.65 -25.86 22.04
N LYS C 140 2.99 -25.29 23.20
CA LYS C 140 2.66 -23.91 23.55
C LYS C 140 1.16 -23.66 23.47
N ILE C 141 0.38 -24.63 23.94
CA ILE C 141 -1.07 -24.53 23.99
C ILE C 141 -1.51 -24.65 25.44
N SER C 142 -2.24 -23.64 25.91
CA SER C 142 -2.74 -23.64 27.28
C SER C 142 -4.00 -24.50 27.38
N HIS C 143 -4.23 -25.04 28.58
CA HIS C 143 -5.38 -25.88 28.84
C HIS C 143 -6.13 -25.36 30.06
N VAL C 144 -7.46 -25.47 30.02
CA VAL C 144 -8.32 -25.06 31.12
C VAL C 144 -9.33 -26.16 31.38
N THR C 145 -9.94 -26.12 32.56
CA THR C 145 -10.96 -27.08 32.93
C THR C 145 -12.23 -26.38 33.37
N GLN C 154 -19.76 -25.83 28.82
CA GLN C 154 -19.60 -27.20 28.36
C GLN C 154 -20.79 -27.61 27.50
N ALA C 155 -21.79 -26.72 27.40
CA ALA C 155 -22.95 -27.01 26.59
C ALA C 155 -22.64 -27.06 25.10
N ILE C 156 -21.59 -26.35 24.67
CA ILE C 156 -21.25 -26.32 23.24
C ILE C 156 -20.85 -27.71 22.77
N VAL C 157 -20.01 -28.40 23.55
CA VAL C 157 -19.56 -29.73 23.13
C VAL C 157 -20.71 -30.73 23.16
N GLU C 158 -21.64 -30.59 24.11
CA GLU C 158 -22.79 -31.50 24.13
C GLU C 158 -23.73 -31.24 22.96
N ARG C 159 -23.91 -29.97 22.59
CA ARG C 159 -24.70 -29.66 21.39
C ARG C 159 -24.03 -30.23 20.15
N THR C 160 -22.69 -30.14 20.08
CA THR C 160 -21.97 -30.74 18.96
C THR C 160 -22.14 -32.26 18.94
N HIS C 161 -22.10 -32.89 20.12
CA HIS C 161 -22.36 -34.32 20.21
C HIS C 161 -23.73 -34.67 19.67
N GLN C 162 -24.75 -33.90 20.08
CA GLN C 162 -26.11 -34.16 19.61
C GLN C 162 -26.21 -34.00 18.10
N ASN C 163 -25.61 -32.93 17.57
CA ASN C 163 -25.68 -32.70 16.12
C ASN C 163 -24.96 -33.80 15.34
N ILE C 164 -23.78 -34.21 15.81
CA ILE C 164 -23.01 -35.21 15.09
C ILE C 164 -23.71 -36.56 15.15
N LYS C 165 -24.33 -36.88 16.30
CA LYS C 165 -25.08 -38.13 16.39
C LYS C 165 -26.33 -38.09 15.50
N ALA C 166 -27.00 -36.94 15.42
CA ALA C 166 -28.15 -36.83 14.53
C ALA C 166 -27.75 -37.04 13.08
N GLN C 167 -26.64 -36.42 12.65
CA GLN C 167 -26.18 -36.61 11.29
C GLN C 167 -25.75 -38.05 11.04
N LEU C 168 -25.07 -38.67 12.01
CA LEU C 168 -24.71 -40.08 11.87
C LEU C 168 -25.95 -40.93 11.69
N ASN C 169 -26.99 -40.68 12.49
CA ASN C 169 -28.23 -41.45 12.37
C ASN C 169 -28.87 -41.24 11.00
N LYS C 170 -28.80 -40.01 10.47
CA LYS C 170 -29.29 -39.78 9.12
C LYS C 170 -28.51 -40.56 8.08
N LEU C 171 -27.19 -40.73 8.29
CA LEU C 171 -26.33 -41.23 7.23
C LEU C 171 -26.51 -42.72 6.92
N GLN C 172 -26.85 -43.55 7.90
CA GLN C 172 -26.87 -44.99 7.66
C GLN C 172 -27.90 -45.36 6.59
N LYS C 173 -29.09 -44.78 6.66
CA LYS C 173 -30.16 -45.13 5.73
C LYS C 173 -29.90 -44.60 4.32
N ALA C 174 -29.04 -43.61 4.16
CA ALA C 174 -28.72 -43.12 2.82
C ALA C 174 -27.92 -44.15 2.04
N GLY C 175 -27.07 -44.90 2.71
CA GLY C 175 -26.30 -45.95 2.06
C GLY C 175 -25.45 -46.68 3.09
N LYS C 176 -25.01 -47.87 2.70
CA LYS C 176 -24.18 -48.68 3.56
C LYS C 176 -22.73 -48.17 3.52
N TYR C 177 -22.10 -48.15 4.68
CA TYR C 177 -20.72 -47.71 4.82
C TYR C 177 -19.84 -48.89 5.20
N TYR C 178 -18.52 -48.66 5.15
CA TYR C 178 -17.56 -49.73 5.36
C TYR C 178 -17.12 -49.82 6.82
N THR C 179 -16.70 -48.70 7.39
CA THR C 179 -16.21 -48.64 8.76
C THR C 179 -16.85 -47.47 9.49
N PRO C 180 -16.92 -47.53 10.81
CA PRO C 180 -17.28 -46.33 11.57
C PRO C 180 -16.36 -45.16 11.30
N HIS C 181 -15.09 -45.42 11.00
CA HIS C 181 -14.20 -44.34 10.54
C HIS C 181 -14.77 -43.66 9.31
N HIS C 182 -15.20 -44.46 8.33
CA HIS C 182 -15.78 -43.91 7.11
C HIS C 182 -17.05 -43.12 7.41
N LEU C 183 -17.92 -43.67 8.26
CA LEU C 183 -19.17 -43.00 8.59
C LEU C 183 -18.93 -41.66 9.26
N LEU C 184 -18.04 -41.65 10.26
CA LEU C 184 -17.75 -40.42 10.98
C LEU C 184 -17.05 -39.42 10.07
N ALA C 185 -16.21 -39.89 9.15
CA ALA C 185 -15.59 -38.99 8.20
C ALA C 185 -16.63 -38.32 7.32
N HIS C 186 -17.61 -39.09 6.86
CA HIS C 186 -18.69 -38.50 6.05
C HIS C 186 -19.48 -37.48 6.85
N ALA C 187 -19.78 -37.79 8.11
CA ALA C 187 -20.54 -36.86 8.94
C ALA C 187 -19.78 -35.56 9.17
N LEU C 188 -18.48 -35.67 9.45
CA LEU C 188 -17.66 -34.48 9.64
C LEU C 188 -17.57 -33.68 8.35
N PHE C 189 -17.44 -34.36 7.22
CA PHE C 189 -17.54 -33.69 5.92
C PHE C 189 -18.81 -32.87 5.83
N VAL C 190 -19.96 -33.47 6.16
CA VAL C 190 -21.22 -32.76 6.02
C VAL C 190 -21.22 -31.51 6.90
N LEU C 191 -20.90 -31.67 8.18
CA LEU C 191 -21.02 -30.54 9.10
C LEU C 191 -19.92 -29.50 8.89
N ASN C 192 -18.84 -29.87 8.20
CA ASN C 192 -17.78 -28.89 7.97
C ASN C 192 -17.94 -28.14 6.65
N HIS C 193 -18.15 -28.85 5.55
CA HIS C 193 -18.14 -28.22 4.23
C HIS C 193 -19.47 -28.33 3.50
N VAL C 194 -20.56 -28.67 4.18
CA VAL C 194 -21.86 -28.66 3.53
C VAL C 194 -22.80 -27.73 4.28
N ASN C 195 -23.07 -28.04 5.55
CA ASN C 195 -23.93 -27.20 6.35
C ASN C 195 -23.33 -25.80 6.50
N MET C 196 -24.19 -24.79 6.37
CA MET C 196 -23.76 -23.40 6.47
C MET C 196 -24.77 -22.62 7.31
N ASP C 197 -24.36 -21.43 7.71
CA ASP C 197 -25.19 -20.58 8.56
C ASP C 197 -26.22 -19.85 7.71
N ASN C 198 -26.90 -18.88 8.30
CA ASN C 198 -27.90 -18.10 7.57
C ASN C 198 -27.25 -17.20 6.52
N GLN C 199 -25.98 -16.83 6.73
CA GLN C 199 -25.28 -15.90 5.85
C GLN C 199 -24.54 -16.61 4.72
N GLY C 200 -24.74 -17.91 4.56
CA GLY C 200 -24.06 -18.64 3.51
C GLY C 200 -22.62 -18.96 3.79
N HIS C 201 -22.24 -19.14 5.06
CA HIS C 201 -20.87 -19.46 5.43
C HIS C 201 -20.84 -20.82 6.10
N THR C 202 -20.02 -21.72 5.56
CA THR C 202 -19.84 -23.03 6.14
C THR C 202 -18.94 -22.94 7.37
N ALA C 203 -18.86 -24.05 8.10
CA ALA C 203 -17.99 -24.07 9.27
C ALA C 203 -16.54 -23.81 8.88
N ALA C 204 -16.07 -24.42 7.79
CA ALA C 204 -14.71 -24.16 7.33
C ALA C 204 -14.53 -22.71 6.92
N GLU C 205 -15.51 -22.14 6.21
CA GLU C 205 -15.40 -20.76 5.78
C GLU C 205 -15.33 -19.82 6.98
N ARG C 206 -16.12 -20.09 8.02
CA ARG C 206 -16.02 -19.29 9.24
C ARG C 206 -14.67 -19.48 9.92
N HIS C 207 -14.16 -20.71 9.95
CA HIS C 207 -12.91 -20.96 10.66
C HIS C 207 -11.70 -20.39 9.92
N TRP C 208 -11.82 -20.17 8.62
CA TRP C 208 -10.73 -19.63 7.81
C TRP C 208 -11.19 -18.38 7.07
N GLY C 209 -12.04 -17.60 7.74
CA GLY C 209 -12.58 -16.38 7.14
C GLY C 209 -12.09 -15.12 7.82
N PRO C 217 -16.44 -10.55 -11.87
CA PRO C 217 -16.44 -9.81 -13.14
C PRO C 217 -16.33 -10.72 -14.35
N MET C 218 -17.37 -10.73 -15.19
CA MET C 218 -17.40 -11.54 -16.40
C MET C 218 -17.08 -10.65 -17.60
N VAL C 219 -16.16 -11.11 -18.45
CA VAL C 219 -15.74 -10.35 -19.62
C VAL C 219 -15.68 -11.26 -20.83
N MET C 220 -15.81 -10.65 -22.01
CA MET C 220 -15.65 -11.32 -23.29
C MET C 220 -14.23 -11.05 -23.78
N TRP C 221 -13.38 -12.07 -23.71
CA TRP C 221 -11.99 -11.96 -24.16
C TRP C 221 -11.86 -12.63 -25.52
N LYS C 222 -11.16 -11.95 -26.44
CA LYS C 222 -10.97 -12.45 -27.78
C LYS C 222 -9.70 -13.29 -27.84
N ASP C 223 -9.87 -14.59 -28.09
CA ASP C 223 -8.73 -15.49 -28.30
C ASP C 223 -8.17 -15.20 -29.69
N LEU C 224 -7.42 -14.11 -29.80
CA LEU C 224 -6.93 -13.62 -31.08
C LEU C 224 -5.84 -14.49 -31.67
N LEU C 225 -5.48 -15.61 -31.03
CA LEU C 225 -4.71 -16.65 -31.68
C LEU C 225 -5.56 -17.50 -32.61
N THR C 226 -6.89 -17.46 -32.45
CA THR C 226 -7.80 -18.19 -33.33
C THR C 226 -8.89 -17.25 -33.82
N GLY C 227 -9.14 -16.17 -33.08
CA GLY C 227 -10.14 -15.19 -33.46
C GLY C 227 -11.52 -15.42 -32.88
N SER C 228 -11.66 -16.26 -31.86
CA SER C 228 -12.95 -16.57 -31.27
C SER C 228 -13.10 -15.87 -29.93
N TRP C 229 -14.31 -15.38 -29.67
CA TRP C 229 -14.63 -14.69 -28.42
C TRP C 229 -15.05 -15.72 -27.38
N LYS C 230 -14.06 -16.43 -26.83
CA LYS C 230 -14.34 -17.40 -25.79
C LYS C 230 -14.74 -16.70 -24.50
N GLY C 231 -15.58 -17.38 -23.72
CA GLY C 231 -16.05 -16.85 -22.46
C GLY C 231 -17.41 -17.41 -22.08
N PRO C 232 -17.98 -16.94 -20.96
CA PRO C 232 -17.39 -15.97 -20.03
C PRO C 232 -16.39 -16.59 -19.06
N ASP C 233 -15.52 -15.75 -18.49
CA ASP C 233 -14.57 -16.19 -17.47
C ASP C 233 -14.15 -14.99 -16.64
N VAL C 234 -13.61 -15.29 -15.46
CA VAL C 234 -13.32 -14.25 -14.49
C VAL C 234 -12.15 -13.39 -14.94
N LEU C 235 -12.12 -12.16 -14.45
CA LEU C 235 -11.03 -11.22 -14.70
C LEU C 235 -10.26 -11.01 -13.40
N ILE C 236 -8.94 -11.13 -13.47
CA ILE C 236 -8.12 -11.06 -12.26
C ILE C 236 -7.69 -9.62 -12.01
N THR C 237 -6.91 -9.06 -12.93
CA THR C 237 -6.40 -7.69 -12.79
C THR C 237 -6.46 -7.01 -14.14
N ALA C 238 -5.90 -5.80 -14.21
CA ALA C 238 -5.83 -5.05 -15.46
C ALA C 238 -4.72 -4.01 -15.34
N GLY C 239 -4.36 -3.45 -16.46
CA GLY C 239 -3.31 -2.43 -16.52
C GLY C 239 -2.56 -2.52 -17.84
N ARG C 240 -1.85 -1.42 -18.14
CA ARG C 240 -1.06 -1.31 -19.37
C ARG C 240 -1.89 -1.51 -20.62
N GLY C 241 -3.20 -1.35 -20.53
CA GLY C 241 -4.08 -1.71 -21.63
C GLY C 241 -4.34 -3.19 -21.74
N TYR C 242 -3.89 -3.99 -20.77
CA TYR C 242 -4.03 -5.43 -20.79
C TYR C 242 -4.93 -5.88 -19.65
N ALA C 243 -5.76 -6.88 -19.92
CA ALA C 243 -6.63 -7.47 -18.92
C ALA C 243 -6.16 -8.89 -18.65
N CYS C 244 -5.83 -9.18 -17.39
CA CYS C 244 -5.34 -10.50 -17.01
C CYS C 244 -6.55 -11.42 -16.84
N VAL C 245 -6.97 -12.03 -17.93
CA VAL C 245 -8.12 -12.92 -17.96
C VAL C 245 -7.67 -14.31 -17.50
N PHE C 246 -8.49 -14.94 -16.65
CA PHE C 246 -8.23 -16.28 -16.14
C PHE C 246 -9.35 -17.20 -16.61
N PRO C 247 -9.14 -17.95 -17.69
CA PRO C 247 -10.18 -18.86 -18.17
C PRO C 247 -10.31 -20.10 -17.30
N GLN C 248 -11.15 -21.05 -17.72
CA GLN C 248 -11.30 -22.30 -16.99
C GLN C 248 -9.99 -23.08 -16.90
N ASP C 249 -9.05 -22.84 -17.80
CA ASP C 249 -7.73 -23.48 -17.77
C ASP C 249 -6.90 -22.84 -16.66
N ALA C 250 -6.87 -23.52 -15.52
CA ALA C 250 -6.16 -23.05 -14.33
C ALA C 250 -4.64 -23.17 -14.45
N GLU C 251 -4.10 -23.53 -15.61
CA GLU C 251 -2.64 -23.68 -15.73
C GLU C 251 -1.93 -22.35 -15.55
N SER C 252 -2.38 -21.30 -16.23
CA SER C 252 -1.73 -20.00 -16.14
C SER C 252 -2.66 -18.93 -16.66
N PRO C 253 -2.71 -17.76 -16.01
CA PRO C 253 -3.52 -16.66 -16.56
C PRO C 253 -2.87 -16.07 -17.80
N ILE C 254 -3.70 -15.42 -18.61
CA ILE C 254 -3.27 -14.81 -19.86
C ILE C 254 -3.66 -13.34 -19.86
N TRP C 255 -2.87 -12.54 -20.57
CA TRP C 255 -3.11 -11.11 -20.72
C TRP C 255 -3.60 -10.83 -22.13
N VAL C 256 -4.67 -10.04 -22.24
CA VAL C 256 -5.26 -9.70 -23.53
C VAL C 256 -5.45 -8.18 -23.58
N PRO C 257 -5.14 -7.53 -24.70
CA PRO C 257 -5.34 -6.08 -24.77
C PRO C 257 -6.79 -5.69 -24.55
N ASP C 258 -6.98 -4.55 -23.88
CA ASP C 258 -8.31 -4.12 -23.50
C ASP C 258 -9.20 -3.79 -24.70
N ARG C 259 -8.60 -3.56 -25.87
CA ARG C 259 -9.42 -3.35 -27.07
C ARG C 259 -10.21 -4.59 -27.43
N PHE C 260 -9.80 -5.76 -26.95
CA PHE C 260 -10.47 -7.02 -27.22
C PHE C 260 -11.18 -7.58 -25.99
N ILE C 261 -11.61 -6.69 -25.10
CA ILE C 261 -12.31 -7.08 -23.87
C ILE C 261 -13.68 -6.41 -23.86
N ARG C 262 -14.72 -7.21 -23.69
CA ARG C 262 -16.09 -6.73 -23.62
C ARG C 262 -16.72 -7.17 -22.32
N PRO C 263 -17.07 -6.26 -21.41
CA PRO C 263 -17.74 -6.66 -20.18
C PRO C 263 -19.07 -7.33 -20.48
N PHE C 264 -19.40 -8.35 -19.69
CA PHE C 264 -20.63 -9.10 -19.90
C PHE C 264 -21.79 -8.52 -19.11
N LEU D 2 13.58 -14.94 19.03
CA LEU D 2 14.57 -15.70 18.28
C LEU D 2 14.88 -17.03 18.96
N GLU D 3 15.00 -16.99 20.29
CA GLU D 3 15.25 -18.21 21.05
C GLU D 3 14.09 -19.19 20.91
N SER D 4 12.85 -18.69 20.93
CA SER D 4 11.69 -19.55 20.79
C SER D 4 11.62 -20.19 19.41
N ALA D 5 12.14 -19.51 18.38
CA ALA D 5 12.17 -20.10 17.04
C ALA D 5 13.03 -21.35 17.02
N GLN D 6 14.13 -21.36 17.77
CA GLN D 6 15.02 -22.52 17.80
C GLN D 6 14.30 -23.74 18.36
N GLU D 7 13.58 -23.57 19.48
CA GLU D 7 12.85 -24.71 20.04
C GLU D 7 11.65 -25.08 19.19
N SER D 8 11.02 -24.11 18.51
CA SER D 8 9.94 -24.44 17.60
C SER D 8 10.45 -25.31 16.46
N HIS D 9 11.63 -25.00 15.94
CA HIS D 9 12.22 -25.87 14.92
C HIS D 9 12.65 -27.21 15.50
N ALA D 10 13.15 -27.22 16.73
CA ALA D 10 13.46 -28.49 17.38
C ALA D 10 12.23 -29.37 17.50
N LEU D 11 11.05 -28.78 17.64
CA LEU D 11 9.81 -29.53 17.79
C LEU D 11 9.23 -29.95 16.44
N HIS D 12 9.08 -29.01 15.49
CA HIS D 12 8.37 -29.28 14.26
C HIS D 12 9.26 -29.42 13.03
N HIS D 13 10.41 -28.73 13.00
CA HIS D 13 11.31 -28.70 11.85
C HIS D 13 10.61 -28.14 10.61
N GLN D 14 10.07 -26.94 10.76
CA GLN D 14 9.51 -26.22 9.64
C GLN D 14 10.62 -25.53 8.84
N ASN D 15 10.22 -24.83 7.79
CA ASN D 15 11.16 -24.13 6.95
C ASN D 15 11.60 -22.81 7.59
N ALA D 16 12.68 -22.26 7.05
CA ALA D 16 13.19 -20.97 7.51
C ALA D 16 12.18 -19.86 7.28
N ALA D 17 11.44 -19.90 6.16
CA ALA D 17 10.39 -18.92 5.93
C ALA D 17 9.32 -19.02 7.02
N ALA D 18 8.94 -20.26 7.38
CA ALA D 18 7.99 -20.45 8.46
C ALA D 18 8.50 -19.84 9.76
N LEU D 19 9.76 -20.14 10.10
CA LEU D 19 10.32 -19.58 11.33
C LEU D 19 10.34 -18.06 11.32
N ARG D 20 10.79 -17.45 10.23
CA ARG D 20 10.90 -16.00 10.20
C ARG D 20 9.54 -15.34 10.25
N PHE D 21 8.56 -15.85 9.48
CA PHE D 21 7.23 -15.26 9.54
C PHE D 21 6.59 -15.45 10.89
N GLN D 22 6.90 -16.55 11.59
CA GLN D 22 6.28 -16.77 12.89
C GLN D 22 6.91 -15.90 13.97
N PHE D 23 8.23 -15.70 13.93
CA PHE D 23 8.94 -15.14 15.06
C PHE D 23 9.60 -13.79 14.80
N HIS D 24 9.41 -13.19 13.62
CA HIS D 24 9.94 -11.86 13.30
C HIS D 24 11.46 -11.83 13.48
N ILE D 25 12.13 -12.67 12.71
CA ILE D 25 13.59 -12.79 12.74
C ILE D 25 14.12 -12.60 11.33
N THR D 26 15.44 -12.44 11.25
CA THR D 26 16.10 -12.22 9.97
C THR D 26 16.09 -13.49 9.13
N ARG D 27 16.01 -13.31 7.82
CA ARG D 27 16.12 -14.45 6.90
C ARG D 27 17.44 -15.17 7.09
N GLU D 28 18.52 -14.41 7.30
CA GLU D 28 19.81 -15.03 7.59
C GLU D 28 19.77 -15.82 8.90
N GLN D 29 19.12 -15.28 9.92
CA GLN D 29 18.99 -16.00 11.18
C GLN D 29 18.26 -17.33 10.99
N ALA D 30 17.15 -17.30 10.26
CA ALA D 30 16.37 -18.52 10.03
C ALA D 30 17.17 -19.53 9.20
N ARG D 31 17.89 -19.04 8.18
CA ARG D 31 18.73 -19.93 7.38
C ARG D 31 19.82 -20.58 8.24
N GLU D 32 20.44 -19.80 9.12
CA GLU D 32 21.44 -20.36 10.01
C GLU D 32 20.83 -21.40 10.92
N ILE D 33 19.63 -21.15 11.44
CA ILE D 33 18.98 -22.10 12.32
C ILE D 33 18.70 -23.41 11.59
N VAL D 34 18.13 -23.33 10.39
CA VAL D 34 17.77 -24.54 9.67
C VAL D 34 19.02 -25.29 9.22
N LYS D 35 20.10 -24.57 8.90
CA LYS D 35 21.36 -25.22 8.55
C LYS D 35 21.94 -25.94 9.76
N LEU D 36 21.93 -25.29 10.92
CA LEU D 36 22.43 -25.91 12.14
C LEU D 36 21.57 -27.08 12.59
N CYS D 37 20.31 -27.12 12.18
CA CYS D 37 19.43 -28.22 12.58
C CYS D 37 20.00 -29.54 12.05
N PRO D 38 20.31 -30.50 12.92
CA PRO D 38 20.83 -31.79 12.44
C PRO D 38 19.81 -32.58 11.64
N ASN D 39 18.52 -32.32 11.81
CA ASN D 39 17.47 -33.06 11.12
C ASN D 39 17.05 -32.39 9.82
N CYS D 40 17.72 -31.31 9.42
CA CYS D 40 17.34 -30.55 8.23
C CYS D 40 18.58 -30.38 7.35
N PRO D 41 18.88 -31.35 6.48
CA PRO D 41 20.03 -31.29 5.59
C PRO D 41 19.67 -30.67 4.23
N LEU D 56 -5.67 -21.93 -10.44
CA LEU D 56 -7.02 -21.42 -10.66
C LEU D 56 -7.64 -21.06 -9.31
N LYS D 57 -8.50 -21.91 -8.80
CA LYS D 57 -9.12 -21.72 -7.49
C LYS D 57 -9.11 -23.07 -6.77
N PRO D 58 -9.12 -23.06 -5.44
CA PRO D 58 -9.01 -24.32 -4.70
C PRO D 58 -10.21 -25.23 -4.94
N ARG D 59 -9.98 -26.51 -4.65
CA ARG D 59 -11.02 -27.55 -4.75
C ARG D 59 -11.54 -27.71 -6.17
N VAL D 60 -10.68 -27.51 -7.17
CA VAL D 60 -11.06 -27.64 -8.57
C VAL D 60 -10.46 -28.88 -9.21
N LEU D 61 -9.14 -28.99 -9.23
CA LEU D 61 -8.47 -30.12 -9.86
C LEU D 61 -7.54 -30.76 -8.83
N TRP D 62 -7.67 -32.07 -8.64
CA TRP D 62 -6.86 -32.81 -7.69
C TRP D 62 -5.99 -33.83 -8.40
N GLN D 63 -4.97 -34.29 -7.67
CA GLN D 63 -4.15 -35.42 -8.07
C GLN D 63 -4.04 -36.36 -6.88
N MET D 64 -4.21 -37.65 -7.13
CA MET D 64 -4.28 -38.62 -6.05
C MET D 64 -3.43 -39.83 -6.39
N ASP D 65 -2.63 -40.28 -5.41
CA ASP D 65 -1.67 -41.35 -5.66
C ASP D 65 -1.33 -42.02 -4.33
N VAL D 66 -0.87 -43.25 -4.43
CA VAL D 66 -0.44 -44.03 -3.26
C VAL D 66 1.07 -44.19 -3.31
N THR D 67 1.72 -44.08 -2.16
CA THR D 67 3.16 -44.25 -2.07
C THR D 67 3.49 -45.38 -1.10
N HIS D 68 4.71 -45.90 -1.21
CA HIS D 68 5.19 -46.98 -0.38
C HIS D 68 6.24 -46.44 0.58
N VAL D 69 5.99 -46.58 1.88
CA VAL D 69 6.90 -46.10 2.91
C VAL D 69 7.17 -47.28 3.84
N SER D 70 8.30 -47.97 3.62
CA SER D 70 8.57 -49.21 4.33
C SER D 70 8.73 -49.01 5.83
N GLU D 71 9.02 -47.79 6.29
CA GLU D 71 9.27 -47.57 7.71
C GLU D 71 8.06 -47.84 8.59
N PHE D 72 6.85 -47.84 8.02
CA PHE D 72 5.64 -48.08 8.81
C PHE D 72 5.32 -49.55 9.00
N GLY D 73 6.12 -50.45 8.41
CA GLY D 73 5.86 -51.87 8.54
C GLY D 73 4.63 -52.32 7.77
N LYS D 74 3.57 -52.71 8.49
CA LYS D 74 2.36 -53.17 7.83
C LYS D 74 1.63 -52.03 7.13
N LEU D 75 1.85 -50.79 7.57
CA LEU D 75 1.16 -49.62 7.03
C LEU D 75 2.01 -48.88 6.02
N LYS D 76 2.82 -49.61 5.24
CA LYS D 76 3.72 -49.01 4.27
C LYS D 76 2.99 -48.36 3.10
N TYR D 77 1.70 -48.61 2.94
CA TYR D 77 0.93 -48.07 1.81
C TYR D 77 0.24 -46.78 2.25
N VAL D 78 0.79 -45.66 1.80
CA VAL D 78 0.25 -44.35 2.13
C VAL D 78 -0.33 -43.73 0.87
N HIS D 79 -1.63 -43.45 0.90
CA HIS D 79 -2.30 -42.77 -0.21
C HIS D 79 -2.15 -41.26 -0.02
N VAL D 80 -1.87 -40.56 -1.12
CA VAL D 80 -1.60 -39.12 -1.08
C VAL D 80 -2.58 -38.40 -2.00
N THR D 81 -3.17 -37.33 -1.49
CA THR D 81 -4.05 -36.46 -2.27
C THR D 81 -3.63 -35.03 -2.05
N VAL D 82 -3.43 -34.29 -3.14
CA VAL D 82 -2.95 -32.92 -3.06
C VAL D 82 -3.76 -32.04 -4.02
N ASP D 83 -4.18 -30.88 -3.54
CA ASP D 83 -4.80 -29.88 -4.39
C ASP D 83 -3.75 -29.30 -5.34
N THR D 84 -4.15 -29.07 -6.59
CA THR D 84 -3.19 -28.57 -7.58
C THR D 84 -2.98 -27.06 -7.47
N TYR D 85 -3.89 -26.33 -6.83
CA TYR D 85 -3.72 -24.89 -6.69
C TYR D 85 -3.07 -24.51 -5.36
N SER D 86 -3.64 -24.97 -4.26
CA SER D 86 -3.15 -24.62 -2.93
C SER D 86 -2.04 -25.53 -2.43
N HIS D 87 -1.78 -26.64 -3.11
CA HIS D 87 -0.82 -27.65 -2.67
C HIS D 87 -1.13 -28.18 -1.28
N PHE D 88 -2.39 -28.07 -0.85
CA PHE D 88 -2.80 -28.66 0.41
C PHE D 88 -2.67 -30.17 0.32
N THR D 89 -1.99 -30.77 1.30
CA THR D 89 -1.59 -32.17 1.22
C THR D 89 -2.25 -32.99 2.32
N PHE D 90 -2.83 -34.12 1.95
CA PHE D 90 -3.44 -35.06 2.88
C PHE D 90 -2.97 -36.47 2.54
N ALA D 91 -2.71 -37.27 3.58
CA ALA D 91 -2.25 -38.63 3.37
C ALA D 91 -2.59 -39.49 4.57
N THR D 92 -2.84 -40.78 4.31
CA THR D 92 -3.10 -41.77 5.34
C THR D 92 -2.44 -43.08 4.95
N ALA D 93 -2.07 -43.87 5.97
CA ALA D 93 -1.38 -45.14 5.76
C ALA D 93 -2.34 -46.28 6.07
N ARG D 94 -2.43 -47.25 5.17
CA ARG D 94 -3.30 -48.41 5.33
C ARG D 94 -2.56 -49.67 4.91
N THR D 95 -3.17 -50.81 5.24
CA THR D 95 -2.56 -52.11 4.98
C THR D 95 -2.54 -52.48 3.50
N GLY D 96 -3.27 -51.77 2.65
CA GLY D 96 -3.31 -52.13 1.25
C GLY D 96 -3.69 -50.96 0.38
N GLU D 97 -3.63 -51.18 -0.93
CA GLU D 97 -4.09 -50.23 -1.93
C GLU D 97 -5.31 -50.80 -2.65
N ALA D 98 -6.17 -51.48 -1.90
CA ALA D 98 -7.35 -52.11 -2.46
C ALA D 98 -8.47 -51.08 -2.66
N THR D 99 -9.58 -51.55 -3.23
CA THR D 99 -10.70 -50.65 -3.49
C THR D 99 -11.29 -50.11 -2.20
N LYS D 100 -11.38 -50.94 -1.16
CA LYS D 100 -11.87 -50.46 0.13
C LYS D 100 -10.97 -49.37 0.70
N ASP D 101 -9.65 -49.57 0.62
CA ASP D 101 -8.72 -48.57 1.11
C ASP D 101 -8.83 -47.28 0.32
N VAL D 102 -8.94 -47.37 -1.00
CA VAL D 102 -9.06 -46.15 -1.81
C VAL D 102 -10.36 -45.44 -1.50
N LEU D 103 -11.44 -46.19 -1.26
CA LEU D 103 -12.72 -45.57 -0.92
C LEU D 103 -12.63 -44.83 0.40
N GLN D 104 -12.02 -45.45 1.42
CA GLN D 104 -11.85 -44.76 2.69
C GLN D 104 -10.94 -43.55 2.54
N HIS D 105 -9.92 -43.63 1.69
CA HIS D 105 -9.08 -42.49 1.43
C HIS D 105 -9.85 -41.35 0.79
N LEU D 106 -10.73 -41.66 -0.15
CA LEU D 106 -11.57 -40.63 -0.76
C LEU D 106 -12.50 -40.00 0.27
N ALA D 107 -13.09 -40.82 1.15
CA ALA D 107 -13.96 -40.27 2.19
C ALA D 107 -13.20 -39.32 3.11
N GLN D 108 -12.03 -39.74 3.58
CA GLN D 108 -11.27 -38.88 4.50
C GLN D 108 -10.70 -37.67 3.77
N SER D 109 -10.37 -37.81 2.49
CA SER D 109 -9.91 -36.66 1.72
C SER D 109 -11.01 -35.63 1.58
N PHE D 110 -12.24 -36.08 1.34
CA PHE D 110 -13.37 -35.15 1.38
C PHE D 110 -13.48 -34.51 2.75
N ALA D 111 -13.43 -35.32 3.82
CA ALA D 111 -13.55 -34.78 5.17
C ALA D 111 -12.49 -33.73 5.46
N TYR D 112 -11.32 -33.86 4.83
CA TYR D 112 -10.20 -32.97 5.15
C TYR D 112 -10.18 -31.73 4.27
N MET D 113 -10.58 -31.85 3.00
CA MET D 113 -10.38 -30.76 2.05
C MET D 113 -11.62 -30.28 1.30
N GLY D 114 -12.79 -30.85 1.53
CA GLY D 114 -13.99 -30.40 0.84
C GLY D 114 -14.28 -31.17 -0.42
N ILE D 115 -15.01 -30.50 -1.31
CA ILE D 115 -15.50 -31.08 -2.56
C ILE D 115 -14.58 -30.63 -3.69
N PRO D 116 -13.89 -31.55 -4.36
CA PRO D 116 -13.16 -31.19 -5.57
C PRO D 116 -14.03 -31.38 -6.81
N GLN D 117 -13.62 -30.72 -7.89
CA GLN D 117 -14.38 -30.84 -9.13
C GLN D 117 -13.89 -32.00 -9.99
N LYS D 118 -12.60 -32.05 -10.28
CA LYS D 118 -12.03 -33.13 -11.08
C LYS D 118 -10.85 -33.74 -10.34
N ILE D 119 -10.74 -35.06 -10.42
CA ILE D 119 -9.67 -35.82 -9.78
C ILE D 119 -8.90 -36.56 -10.85
N LYS D 120 -7.59 -36.38 -10.87
CA LYS D 120 -6.71 -37.09 -11.79
C LYS D 120 -5.93 -38.15 -11.01
N THR D 121 -6.00 -39.39 -11.47
CA THR D 121 -5.34 -40.51 -10.82
C THR D 121 -4.52 -41.29 -11.85
N ASP D 122 -3.77 -42.26 -11.34
CA ASP D 122 -2.99 -43.14 -12.21
C ASP D 122 -3.87 -44.22 -12.82
N ASN D 123 -3.26 -45.21 -13.46
CA ASN D 123 -3.98 -46.31 -14.08
C ASN D 123 -4.06 -47.54 -13.18
N ALA D 124 -4.08 -47.33 -11.86
CA ALA D 124 -4.13 -48.44 -10.93
C ALA D 124 -5.45 -49.20 -11.08
N PRO D 125 -5.43 -50.53 -10.94
CA PRO D 125 -6.67 -51.30 -11.09
C PRO D 125 -7.74 -50.90 -10.09
N ALA D 126 -7.37 -50.62 -8.84
CA ALA D 126 -8.34 -50.19 -7.84
C ALA D 126 -8.93 -48.83 -8.21
N TYR D 127 -8.11 -47.95 -8.76
CA TYR D 127 -8.57 -46.61 -9.07
C TYR D 127 -9.59 -46.64 -10.21
N VAL D 128 -9.38 -47.54 -11.18
CA VAL D 128 -10.33 -47.69 -12.28
C VAL D 128 -11.43 -48.70 -11.96
N SER D 129 -11.52 -49.17 -10.71
CA SER D 129 -12.50 -50.17 -10.35
C SER D 129 -13.92 -49.60 -10.45
N ARG D 130 -14.86 -50.47 -10.82
CA ARG D 130 -16.23 -50.03 -11.02
C ARG D 130 -16.77 -49.34 -9.78
N SER D 131 -16.59 -49.96 -8.60
CA SER D 131 -17.07 -49.36 -7.37
C SER D 131 -16.58 -47.92 -7.23
N ILE D 132 -15.34 -47.65 -7.62
CA ILE D 132 -14.85 -46.28 -7.65
C ILE D 132 -15.61 -45.44 -8.66
N GLN D 133 -15.91 -46.00 -9.84
CA GLN D 133 -16.65 -45.19 -10.83
C GLN D 133 -18.03 -44.80 -10.32
N GLU D 134 -18.79 -45.74 -9.77
CA GLU D 134 -20.07 -45.33 -9.19
C GLU D 134 -19.92 -44.49 -7.92
N PHE D 135 -18.83 -44.64 -7.15
CA PHE D 135 -18.57 -43.72 -6.04
C PHE D 135 -18.49 -42.28 -6.55
N LEU D 136 -17.63 -42.05 -7.54
CA LEU D 136 -17.48 -40.71 -8.08
C LEU D 136 -18.75 -40.24 -8.78
N ALA D 137 -19.49 -41.16 -9.40
CA ALA D 137 -20.75 -40.82 -10.04
C ALA D 137 -21.78 -40.33 -9.04
N ARG D 138 -21.87 -40.99 -7.89
CA ARG D 138 -22.86 -40.59 -6.89
C ARG D 138 -22.45 -39.29 -6.18
N TRP D 139 -21.19 -39.19 -5.78
CA TRP D 139 -20.65 -37.90 -5.30
C TRP D 139 -20.29 -36.91 -6.41
N LYS D 140 -20.77 -37.13 -7.64
CA LYS D 140 -20.84 -36.08 -8.66
C LYS D 140 -19.48 -35.44 -8.93
N ILE D 141 -18.47 -36.29 -9.11
CA ILE D 141 -17.11 -35.83 -9.40
C ILE D 141 -16.60 -36.60 -10.60
N SER D 142 -16.14 -35.86 -11.62
CA SER D 142 -15.60 -36.49 -12.82
C SER D 142 -14.26 -37.14 -12.51
N HIS D 143 -13.87 -38.09 -13.37
CA HIS D 143 -12.62 -38.81 -13.21
C HIS D 143 -11.86 -38.78 -14.54
N VAL D 144 -10.54 -38.73 -14.43
CA VAL D 144 -9.69 -38.69 -15.62
C VAL D 144 -8.64 -39.79 -15.55
N GLN D 154 1.46 -34.76 -13.39
CA GLN D 154 1.66 -35.80 -12.39
C GLN D 154 2.96 -35.56 -11.62
N ALA D 155 3.70 -34.53 -12.01
CA ALA D 155 4.93 -34.20 -11.31
C ALA D 155 4.67 -33.55 -9.96
N ILE D 156 3.56 -32.81 -9.85
CA ILE D 156 3.25 -32.12 -8.60
C ILE D 156 3.02 -33.13 -7.49
N VAL D 157 2.25 -34.19 -7.77
CA VAL D 157 1.99 -35.19 -6.74
C VAL D 157 3.27 -35.95 -6.38
N GLU D 158 4.16 -36.16 -7.34
CA GLU D 158 5.43 -36.81 -7.04
C GLU D 158 6.28 -35.93 -6.11
N ARG D 159 6.34 -34.63 -6.38
CA ARG D 159 7.04 -33.72 -5.49
C ARG D 159 6.37 -33.71 -4.12
N THR D 160 5.06 -33.88 -4.09
CA THR D 160 4.35 -34.00 -2.81
C THR D 160 4.79 -35.25 -2.07
N HIS D 161 4.95 -36.37 -2.77
CA HIS D 161 5.47 -37.59 -2.13
C HIS D 161 6.84 -37.33 -1.54
N GLN D 162 7.72 -36.68 -2.31
CA GLN D 162 9.06 -36.39 -1.81
C GLN D 162 9.01 -35.51 -0.58
N ASN D 163 8.15 -34.49 -0.60
CA ASN D 163 8.02 -33.61 0.56
C ASN D 163 7.50 -34.38 1.78
N ILE D 164 6.55 -35.29 1.56
CA ILE D 164 6.00 -36.07 2.66
C ILE D 164 7.06 -36.96 3.29
N LYS D 165 7.83 -37.66 2.46
CA LYS D 165 8.86 -38.53 3.03
C LYS D 165 9.97 -37.72 3.70
N ALA D 166 10.28 -36.55 3.15
CA ALA D 166 11.27 -35.68 3.78
C ALA D 166 10.80 -35.23 5.17
N GLN D 167 9.54 -34.83 5.28
CA GLN D 167 9.01 -34.41 6.57
C GLN D 167 8.93 -35.58 7.54
N LEU D 168 8.58 -36.77 7.04
CA LEU D 168 8.56 -37.95 7.90
C LEU D 168 9.95 -38.25 8.44
N ASN D 169 10.97 -38.13 7.60
CA ASN D 169 12.34 -38.32 8.07
C ASN D 169 12.73 -37.25 9.09
N LYS D 170 12.38 -36.00 8.82
CA LYS D 170 12.75 -34.91 9.73
C LYS D 170 12.05 -35.05 11.08
N LEU D 171 10.85 -35.62 11.10
CA LEU D 171 10.13 -35.81 12.35
C LEU D 171 10.73 -36.90 13.22
N GLN D 172 11.67 -37.68 12.70
CA GLN D 172 12.35 -38.70 13.48
C GLN D 172 13.59 -38.15 14.16
N LYS D 176 10.07 -39.51 19.19
CA LYS D 176 9.35 -40.72 19.56
C LYS D 176 7.84 -40.50 19.51
N TYR D 177 7.18 -41.20 18.59
CA TYR D 177 5.75 -41.10 18.40
C TYR D 177 5.10 -42.46 18.62
N TYR D 178 3.78 -42.43 18.86
CA TYR D 178 3.05 -43.64 19.21
C TYR D 178 2.77 -44.50 17.98
N THR D 179 2.07 -43.95 17.00
CA THR D 179 1.63 -44.68 15.82
C THR D 179 2.05 -43.92 14.56
N PRO D 180 2.23 -44.64 13.45
CA PRO D 180 2.45 -43.97 12.17
C PRO D 180 1.33 -43.02 11.82
N HIS D 181 0.10 -43.29 12.25
CA HIS D 181 -0.98 -42.33 12.06
C HIS D 181 -0.70 -41.03 12.81
N HIS D 182 -0.21 -41.14 14.05
CA HIS D 182 0.16 -39.95 14.81
C HIS D 182 1.28 -39.18 14.12
N LEU D 183 2.30 -39.90 13.67
CA LEU D 183 3.42 -39.25 12.99
C LEU D 183 2.97 -38.56 11.71
N LEU D 184 2.10 -39.22 10.94
CA LEU D 184 1.61 -38.63 9.71
C LEU D 184 0.71 -37.44 9.97
N ALA D 185 -0.05 -37.48 11.06
CA ALA D 185 -0.84 -36.32 11.45
C ALA D 185 0.07 -35.14 11.77
N HIS D 186 1.15 -35.39 12.50
CA HIS D 186 2.10 -34.32 12.78
C HIS D 186 2.69 -33.76 11.48
N ALA D 187 3.09 -34.65 10.57
CA ALA D 187 3.72 -34.21 9.32
C ALA D 187 2.74 -33.39 8.48
N LEU D 188 1.50 -33.87 8.37
CA LEU D 188 0.48 -33.15 7.61
C LEU D 188 0.21 -31.78 8.23
N PHE D 189 0.11 -31.72 9.56
CA PHE D 189 -0.10 -30.44 10.22
C PHE D 189 1.02 -29.47 9.91
N VAL D 190 2.27 -29.94 10.03
CA VAL D 190 3.40 -29.06 9.74
C VAL D 190 3.33 -28.56 8.31
N LEU D 191 3.16 -29.48 7.36
CA LEU D 191 3.20 -29.10 5.95
C LEU D 191 2.05 -28.18 5.57
N ASN D 192 0.90 -28.33 6.23
CA ASN D 192 -0.27 -27.55 5.85
C ASN D 192 -0.34 -26.20 6.55
N HIS D 193 -0.08 -26.14 7.85
CA HIS D 193 -0.34 -24.95 8.63
C HIS D 193 0.93 -24.28 9.15
N VAL D 194 2.10 -24.90 8.99
CA VAL D 194 3.34 -24.34 9.51
C VAL D 194 4.27 -24.02 8.34
N ASN D 195 4.50 -25.01 7.48
CA ASN D 195 5.37 -24.82 6.33
C ASN D 195 4.90 -23.63 5.50
N MET D 196 5.85 -22.84 5.01
CA MET D 196 5.56 -21.53 4.46
C MET D 196 6.10 -21.38 3.05
N ASP D 197 5.29 -20.75 2.20
CA ASP D 197 5.77 -20.22 0.93
C ASP D 197 6.24 -18.79 1.15
N ASN D 198 6.55 -18.08 0.06
CA ASN D 198 7.10 -16.73 0.21
C ASN D 198 6.03 -15.72 0.63
N GLN D 199 4.83 -15.82 0.07
CA GLN D 199 3.82 -14.78 0.22
C GLN D 199 3.20 -14.71 1.62
N GLY D 200 3.67 -15.53 2.55
CA GLY D 200 3.16 -15.47 3.91
C GLY D 200 1.81 -16.09 4.12
N HIS D 201 1.32 -16.88 3.17
CA HIS D 201 0.04 -17.56 3.30
C HIS D 201 0.28 -19.07 3.31
N THR D 202 -0.17 -19.72 4.38
CA THR D 202 0.05 -21.15 4.51
C THR D 202 -0.78 -21.90 3.46
N ALA D 203 -0.56 -23.22 3.40
CA ALA D 203 -1.42 -24.05 2.59
C ALA D 203 -2.88 -23.95 3.03
N ALA D 204 -3.11 -23.69 4.32
CA ALA D 204 -4.48 -23.56 4.82
C ALA D 204 -5.15 -22.30 4.26
N GLU D 205 -4.47 -21.15 4.33
CA GLU D 205 -5.05 -19.94 3.73
C GLU D 205 -5.21 -20.11 2.23
N ARG D 206 -4.23 -20.72 1.55
CA ARG D 206 -4.37 -20.90 0.11
C ARG D 206 -5.52 -21.83 -0.24
N HIS D 207 -5.84 -22.80 0.64
CA HIS D 207 -6.93 -23.72 0.35
C HIS D 207 -8.28 -23.14 0.75
N TRP D 208 -8.31 -22.21 1.70
CA TRP D 208 -9.55 -21.59 2.16
C TRP D 208 -9.44 -20.07 2.08
N GLY D 209 -8.98 -19.56 0.95
CA GLY D 209 -8.87 -18.14 0.74
C GLY D 209 -8.55 -17.76 -0.69
N PRO D 217 -0.77 -14.23 -11.75
CA PRO D 217 -0.33 -13.28 -12.79
C PRO D 217 1.19 -13.12 -12.83
N MET D 218 1.79 -13.44 -13.96
CA MET D 218 3.23 -13.34 -14.15
C MET D 218 3.53 -12.23 -15.14
N VAL D 219 4.48 -11.36 -14.79
CA VAL D 219 4.84 -10.21 -15.62
C VAL D 219 6.35 -10.09 -15.68
N MET D 220 6.86 -9.71 -16.85
CA MET D 220 8.26 -9.33 -16.98
C MET D 220 8.52 -8.03 -16.22
N TRP D 221 9.66 -7.95 -15.56
CA TRP D 221 10.06 -6.74 -14.87
C TRP D 221 11.53 -6.46 -15.14
N LYS D 222 11.84 -5.19 -15.40
CA LYS D 222 13.21 -4.78 -15.68
C LYS D 222 13.89 -4.33 -14.39
N ASP D 223 15.03 -4.93 -14.09
CA ASP D 223 15.79 -4.56 -12.90
C ASP D 223 16.28 -3.13 -13.06
N LEU D 224 15.68 -2.20 -12.32
CA LEU D 224 15.95 -0.78 -12.53
C LEU D 224 17.38 -0.40 -12.15
N LEU D 225 18.05 -1.21 -11.33
CA LEU D 225 19.43 -0.90 -10.95
C LEU D 225 20.42 -1.36 -12.01
N THR D 226 20.47 -2.66 -12.28
CA THR D 226 21.42 -3.19 -13.25
C THR D 226 21.00 -2.93 -14.69
N GLY D 227 19.69 -2.99 -14.97
CA GLY D 227 19.18 -2.79 -16.30
C GLY D 227 18.76 -4.06 -17.01
N SER D 228 19.20 -5.22 -16.53
CA SER D 228 18.85 -6.48 -17.16
C SER D 228 17.40 -6.84 -16.88
N TRP D 229 16.74 -7.41 -17.88
CA TRP D 229 15.35 -7.84 -17.71
C TRP D 229 15.29 -9.13 -16.90
N LYS D 230 14.35 -9.18 -15.95
CA LYS D 230 14.15 -10.34 -15.10
C LYS D 230 12.72 -10.84 -15.22
N GLY D 231 12.52 -12.12 -14.89
CA GLY D 231 11.21 -12.72 -14.93
C GLY D 231 11.27 -14.19 -15.26
N PRO D 232 10.11 -14.88 -15.20
CA PRO D 232 8.82 -14.31 -14.77
C PRO D 232 8.67 -14.25 -13.26
N ASP D 233 7.92 -13.25 -12.78
CA ASP D 233 7.65 -13.09 -11.36
C ASP D 233 6.18 -12.76 -11.17
N VAL D 234 5.68 -13.07 -9.99
CA VAL D 234 4.26 -12.85 -9.69
C VAL D 234 4.01 -11.39 -9.38
N LEU D 235 2.94 -10.85 -9.94
CA LEU D 235 2.53 -9.46 -9.68
C LEU D 235 1.62 -9.43 -8.47
N ILE D 236 2.01 -8.66 -7.45
CA ILE D 236 1.23 -8.60 -6.22
C ILE D 236 0.11 -7.57 -6.34
N THR D 237 0.48 -6.31 -6.57
CA THR D 237 -0.47 -5.22 -6.64
C THR D 237 0.09 -4.16 -7.58
N ALA D 238 -0.79 -3.53 -8.35
CA ALA D 238 -0.38 -2.53 -9.33
C ALA D 238 -1.44 -1.45 -9.40
N GLY D 239 -1.04 -0.30 -9.95
CA GLY D 239 -1.97 0.79 -10.15
C GLY D 239 -1.32 2.17 -10.16
N ARG D 240 -1.73 2.99 -11.13
CA ARG D 240 -1.34 4.39 -11.22
C ARG D 240 0.19 4.54 -11.32
N GLY D 241 0.74 3.95 -12.38
CA GLY D 241 2.12 4.18 -12.75
C GLY D 241 3.15 3.35 -12.03
N TYR D 242 2.76 2.46 -11.13
CA TYR D 242 3.72 1.60 -10.46
C TYR D 242 3.06 0.27 -10.13
N ALA D 243 3.90 -0.75 -9.95
CA ALA D 243 3.44 -2.10 -9.66
C ALA D 243 4.31 -2.70 -8.56
N CYS D 244 3.76 -3.67 -7.85
CA CYS D 244 4.46 -4.39 -6.81
C CYS D 244 4.75 -5.81 -7.29
N VAL D 245 6.03 -6.14 -7.43
CA VAL D 245 6.48 -7.44 -7.91
C VAL D 245 7.30 -8.10 -6.82
N PHE D 246 6.96 -9.36 -6.49
CA PHE D 246 7.63 -10.11 -5.44
C PHE D 246 8.26 -11.35 -6.06
N PRO D 247 9.52 -11.26 -6.51
CA PRO D 247 10.20 -12.46 -7.01
C PRO D 247 10.43 -13.47 -5.90
N GLN D 248 10.44 -14.75 -6.29
CA GLN D 248 10.61 -15.83 -5.33
C GLN D 248 11.99 -15.83 -4.68
N ASP D 249 12.97 -15.19 -5.31
CA ASP D 249 14.33 -15.18 -4.79
C ASP D 249 14.62 -13.97 -3.89
N ALA D 250 13.64 -13.09 -3.69
CA ALA D 250 13.82 -11.90 -2.86
C ALA D 250 12.92 -11.98 -1.64
N GLU D 251 13.46 -11.58 -0.49
CA GLU D 251 12.69 -11.61 0.74
C GLU D 251 11.64 -10.51 0.78
N SER D 252 11.87 -9.40 0.10
CA SER D 252 10.95 -8.28 0.16
C SER D 252 10.39 -7.96 -1.23
N PRO D 253 9.15 -7.46 -1.29
CA PRO D 253 8.59 -7.09 -2.60
C PRO D 253 9.36 -5.95 -3.24
N ILE D 254 9.36 -5.94 -4.58
CA ILE D 254 10.06 -4.93 -5.36
C ILE D 254 9.03 -4.07 -6.07
N TRP D 255 9.13 -2.76 -5.89
CA TRP D 255 8.26 -1.80 -6.54
C TRP D 255 9.00 -1.20 -7.73
N VAL D 256 8.42 -1.32 -8.92
CA VAL D 256 9.06 -0.86 -10.14
C VAL D 256 8.09 0.05 -10.89
N PRO D 257 8.58 1.03 -11.66
CA PRO D 257 7.67 1.87 -12.43
C PRO D 257 6.95 1.07 -13.50
N ASP D 258 5.74 1.53 -13.84
CA ASP D 258 4.90 0.83 -14.79
C ASP D 258 5.53 0.75 -16.17
N ARG D 259 6.47 1.65 -16.48
CA ARG D 259 7.10 1.66 -17.79
C ARG D 259 7.89 0.40 -18.08
N PHE D 260 8.28 -0.36 -17.05
CA PHE D 260 9.12 -1.55 -17.21
C PHE D 260 8.38 -2.82 -16.79
N ILE D 261 7.12 -2.96 -17.19
CA ILE D 261 6.33 -4.14 -16.90
C ILE D 261 5.79 -4.69 -18.21
N ARG D 262 6.03 -5.98 -18.45
CA ARG D 262 5.55 -6.67 -19.63
C ARG D 262 4.90 -7.98 -19.24
N PRO D 263 3.80 -8.37 -19.88
CA PRO D 263 3.14 -9.61 -19.52
C PRO D 263 3.93 -10.83 -19.96
N PHE D 264 3.63 -11.96 -19.31
CA PHE D 264 4.26 -13.24 -19.64
C PHE D 264 3.39 -14.06 -20.60
N THR D 265 2.13 -14.31 -20.23
CA THR D 265 1.14 -14.97 -21.09
C THR D 265 1.63 -16.35 -21.54
N GLU D 266 1.84 -17.23 -20.58
CA GLU D 266 2.17 -18.61 -20.90
C GLU D 266 0.92 -19.36 -21.32
N ARG D 267 1.00 -20.07 -22.44
CA ARG D 267 -0.13 -20.78 -23.01
C ARG D 267 0.14 -22.28 -23.01
N LYS D 268 -0.89 -23.07 -22.73
CA LYS D 268 -0.74 -24.52 -22.71
C LYS D 268 -0.45 -25.07 -24.11
N GLU D 269 -1.06 -24.47 -25.13
CA GLU D 269 -0.90 -24.91 -26.52
C GLU D 269 -1.22 -26.40 -26.69
ZN ZN H . 10.87 -15.50 -31.03
CA CA I . 19.06 12.59 -5.09
ZN ZN J . 4.95 31.47 23.38
ZN ZN K . -32.44 -36.16 5.12
ZN ZN L . 14.86 -29.32 11.28
#